data_6Q0O
#
_entry.id   6Q0O
#
_cell.length_a   61.960
_cell.length_b   88.600
_cell.length_c   147.890
_cell.angle_alpha   90.000
_cell.angle_beta   90.000
_cell.angle_gamma   90.000
#
_symmetry.space_group_name_H-M   'P 21 21 2'
#
loop_
_entity.id
_entity.type
_entity.pdbx_description
1 polymer 'Hemagglutinin head domain'
2 polymer 'H2227 Fab lambda chain'
3 polymer 'H2227 Fab heavy chain'
4 branched beta-D-mannopyranose-(1-4)-2-acetamido-2-deoxy-beta-D-glucopyranose-(1-4)-2-acetamido-2-deoxy-beta-D-glucopyranose
5 non-polymer 2-AMINO-2-HYDROXYMETHYL-PROPANE-1,3-DIOL
6 non-polymer GLYCEROL
7 non-polymer 2-acetamido-2-deoxy-beta-D-glucopyranose
8 non-polymer 'PENTAETHYLENE GLYCOL'
#
loop_
_entity_poly.entity_id
_entity_poly.type
_entity_poly.pdbx_seq_one_letter_code
_entity_poly.pdbx_strand_id
1 'polypeptide(L)'
;ASAPLQLGNCSVAGWILGNPECELLISRESWSYIVEKPNPENGTCYPGHFADYEELREQLSSVSSFERFEIFPKESSWPN
HTTTGVSASCSHNGESSFYKNLLWLTGKNGLYPNLSKSYANNKEKEVLVLWGVHHPPNIGDQRALYHTENAYVSVVSSHY
SRKFTPEIAKRPKVRDQEGRINYYWTLLEPGDTIIFEANGNLIAPRYAFALSRGFGSGLEVLF
;
A
2 'polypeptide(L)'
;SELTQDPAVSVALGQTVRITCQGDSLRGYYASWHQQKPGQAPVLVIYGKNNRPSGIPDRFSGSRSGNTASLTITGAQAED
EADYYCASRDSSGNHPVVFGGGTKLTVLGQPKGAPSVTLFPPSSEELQANKATLVCLISDFYPGAVTVAWKADSSPVKAG
VETTTPSKQSNNKYAASSYLSLTPEQWKSHRSYSCQVTHEGSTVEKTVAPTECS
;
B
3 'polypeptide(L)'
;QVQLQESGPGLVKPSGTLSLTCAVSGGSISSSQWWSWVRQPPGKGLEWIGEISHGVYTNYNPSLKSRVTISADKSQNQFS
LNLSSVTAADTAVYYCARAPPYCSSASCPDDYYYFFLDVWGKGTTVTVSGASTKGPSVFPLAPSSKSTSGGTAALGCLVK
DYFPEPVTVSWNSGALTSGVHTFPAVLQSSGLYSLSSVVTVPSSSLGTQTYICNVNHKPSNTKVDKRVEPKSCDKHHHHH
H
;
Z
#
# COMPACT_ATOMS: atom_id res chain seq x y z
N ALA A 1 -10.75 -50.14 -31.46
CA ALA A 1 -11.31 -51.24 -30.67
C ALA A 1 -12.13 -50.71 -29.50
N SER A 2 -12.08 -51.43 -28.38
CA SER A 2 -12.79 -51.04 -27.16
C SER A 2 -11.96 -51.48 -25.95
N ALA A 3 -10.73 -51.00 -25.87
CA ALA A 3 -9.85 -51.32 -24.76
C ALA A 3 -10.29 -50.58 -23.51
N PRO A 4 -9.90 -51.06 -22.33
CA PRO A 4 -10.28 -50.38 -21.09
C PRO A 4 -9.54 -49.06 -20.92
N LEU A 5 -10.12 -48.21 -20.07
CA LEU A 5 -9.54 -46.92 -19.74
C LEU A 5 -8.52 -47.09 -18.61
N GLN A 6 -7.26 -46.81 -18.89
CA GLN A 6 -6.19 -46.97 -17.92
C GLN A 6 -6.00 -45.67 -17.14
N LEU A 7 -6.16 -45.73 -15.82
CA LEU A 7 -6.00 -44.58 -14.96
C LEU A 7 -4.65 -44.53 -14.26
N GLY A 8 -3.92 -45.64 -14.22
CA GLY A 8 -2.61 -45.63 -13.59
C GLY A 8 -2.70 -45.36 -12.10
N ASN A 9 -1.91 -44.39 -11.63
CA ASN A 9 -1.87 -44.00 -10.23
C ASN A 9 -3.05 -43.11 -9.83
N CYS A 10 -4.07 -42.98 -10.68
CA CYS A 10 -5.17 -42.07 -10.45
C CYS A 10 -6.46 -42.83 -10.21
N SER A 11 -7.32 -42.27 -9.37
CA SER A 11 -8.64 -42.80 -9.12
C SER A 11 -9.67 -42.04 -9.95
N VAL A 12 -10.88 -42.59 -10.01
CA VAL A 12 -11.95 -41.97 -10.78
C VAL A 12 -12.24 -40.57 -10.26
N ALA A 13 -12.03 -40.33 -8.96
CA ALA A 13 -12.29 -39.02 -8.38
C ALA A 13 -11.36 -37.97 -8.98
N GLY A 14 -10.04 -38.15 -8.80
CA GLY A 14 -9.09 -37.22 -9.39
C GLY A 14 -9.10 -37.19 -10.90
N TRP A 15 -9.58 -38.27 -11.53
CA TRP A 15 -9.64 -38.32 -12.98
C TRP A 15 -10.75 -37.42 -13.52
N ILE A 16 -11.94 -37.52 -12.95
CA ILE A 16 -13.07 -36.74 -13.46
C ILE A 16 -12.99 -35.29 -13.00
N LEU A 17 -12.36 -35.03 -11.85
CA LEU A 17 -12.28 -33.68 -11.33
C LEU A 17 -11.19 -32.85 -12.00
N GLY A 18 -10.19 -33.50 -12.60
CA GLY A 18 -9.09 -32.77 -13.21
C GLY A 18 -7.96 -32.53 -12.22
N ASN A 19 -7.55 -33.58 -11.53
CA ASN A 19 -6.39 -33.48 -10.65
C ASN A 19 -5.17 -33.07 -11.47
N PRO A 20 -4.36 -32.13 -10.98
CA PRO A 20 -3.23 -31.64 -11.80
C PRO A 20 -2.23 -32.73 -12.17
N GLU A 21 -2.26 -33.88 -11.49
CA GLU A 21 -1.45 -35.02 -11.89
C GLU A 21 -2.26 -36.08 -12.65
N CYS A 22 -3.57 -35.92 -12.72
CA CYS A 22 -4.41 -36.86 -13.46
C CYS A 22 -5.00 -36.17 -14.69
N GLU A 23 -4.12 -35.62 -15.53
CA GLU A 23 -4.54 -34.88 -16.72
C GLU A 23 -3.73 -35.32 -17.93
N LEU A 24 -3.48 -36.62 -18.05
CA LEU A 24 -2.71 -37.18 -19.14
C LEU A 24 -3.47 -38.35 -19.73
N LEU A 25 -3.74 -38.29 -21.03
CA LEU A 25 -4.43 -39.34 -21.80
C LEU A 25 -5.87 -39.55 -21.34
N ILE A 26 -6.39 -38.69 -20.46
CA ILE A 26 -7.74 -38.86 -19.93
C ILE A 26 -8.81 -38.30 -20.85
N SER A 27 -8.43 -37.72 -21.99
CA SER A 27 -9.39 -37.22 -22.97
C SER A 27 -9.86 -38.31 -23.92
N ARG A 28 -9.76 -39.57 -23.52
CA ARG A 28 -10.15 -40.69 -24.38
C ARG A 28 -11.63 -40.60 -24.75
N GLU A 29 -11.94 -40.89 -26.01
CA GLU A 29 -13.28 -40.71 -26.52
C GLU A 29 -14.24 -41.80 -26.06
N SER A 30 -13.77 -43.02 -25.88
CA SER A 30 -14.66 -44.11 -25.50
C SER A 30 -13.85 -45.24 -24.87
N TRP A 31 -14.50 -45.99 -23.98
CA TRP A 31 -13.89 -47.14 -23.33
C TRP A 31 -14.99 -48.07 -22.87
N SER A 32 -14.61 -49.33 -22.62
CA SER A 32 -15.57 -50.34 -22.20
C SER A 32 -15.68 -50.45 -20.68
N TYR A 33 -14.55 -50.45 -19.98
CA TYR A 33 -14.54 -50.51 -18.52
C TYR A 33 -13.30 -49.79 -18.01
N ILE A 34 -13.30 -49.51 -16.72
CA ILE A 34 -12.25 -48.72 -16.08
C ILE A 34 -11.31 -49.63 -15.31
N VAL A 35 -10.02 -49.34 -15.36
CA VAL A 35 -9.01 -50.08 -14.62
C VAL A 35 -8.15 -49.09 -13.86
N GLU A 36 -8.13 -49.21 -12.53
CA GLU A 36 -7.26 -48.39 -11.70
C GLU A 36 -6.39 -49.27 -10.82
N LYS A 37 -6.13 -48.83 -9.60
CA LYS A 37 -5.30 -49.55 -8.64
C LYS A 37 -6.11 -49.87 -7.39
N PRO A 38 -5.71 -50.90 -6.63
CA PRO A 38 -6.41 -51.17 -5.37
C PRO A 38 -6.37 -50.02 -4.39
N ASN A 39 -5.25 -49.28 -4.35
CA ASN A 39 -5.12 -48.10 -3.49
C ASN A 39 -4.49 -46.97 -4.31
N PRO A 40 -5.31 -46.16 -4.97
CA PRO A 40 -4.77 -45.08 -5.79
C PRO A 40 -4.06 -44.04 -4.94
N GLU A 41 -3.08 -43.36 -5.56
CA GLU A 41 -2.29 -42.35 -4.86
C GLU A 41 -2.77 -40.93 -5.12
N ASN A 42 -3.35 -40.66 -6.28
CA ASN A 42 -3.77 -39.32 -6.67
C ASN A 42 -5.27 -39.32 -6.96
N GLY A 43 -6.02 -38.57 -6.16
CA GLY A 43 -7.44 -38.43 -6.35
C GLY A 43 -7.91 -37.04 -5.94
N THR A 44 -8.60 -36.95 -4.81
CA THR A 44 -9.02 -35.67 -4.26
C THR A 44 -7.83 -35.07 -3.52
N CYS A 45 -7.07 -34.21 -4.22
CA CYS A 45 -5.90 -33.58 -3.60
C CYS A 45 -6.32 -32.70 -2.43
N TYR A 46 -7.37 -31.90 -2.61
CA TYR A 46 -7.97 -31.19 -1.49
C TYR A 46 -8.87 -32.15 -0.74
N PRO A 47 -8.67 -32.38 0.56
CA PRO A 47 -9.46 -33.38 1.27
C PRO A 47 -10.94 -33.05 1.26
N GLY A 48 -11.77 -34.09 1.17
CA GLY A 48 -13.20 -33.91 1.12
C GLY A 48 -13.88 -35.20 0.72
N HIS A 49 -15.20 -35.21 0.92
CA HIS A 49 -16.01 -36.38 0.60
C HIS A 49 -16.56 -36.25 -0.81
N PHE A 50 -16.58 -37.37 -1.52
CA PHE A 50 -17.12 -37.43 -2.89
C PHE A 50 -18.50 -38.05 -2.81
N ALA A 51 -19.54 -37.22 -2.98
CA ALA A 51 -20.90 -37.71 -2.87
C ALA A 51 -21.26 -38.59 -4.05
N ASP A 52 -21.92 -39.71 -3.76
CA ASP A 52 -22.39 -40.66 -4.78
C ASP A 52 -21.25 -41.17 -5.64
N TYR A 53 -20.14 -41.54 -4.97
CA TYR A 53 -18.94 -41.96 -5.69
C TYR A 53 -19.17 -43.27 -6.44
N GLU A 54 -19.78 -44.25 -5.78
CA GLU A 54 -20.02 -45.54 -6.43
C GLU A 54 -21.00 -45.39 -7.59
N GLU A 55 -22.05 -44.57 -7.42
CA GLU A 55 -22.97 -44.32 -8.51
C GLU A 55 -22.26 -43.71 -9.70
N LEU A 56 -21.43 -42.69 -9.46
CA LEU A 56 -20.67 -42.08 -10.55
C LEU A 56 -19.64 -43.05 -11.12
N ARG A 57 -19.00 -43.83 -10.25
CA ARG A 57 -18.00 -44.80 -10.71
C ARG A 57 -18.62 -45.89 -11.57
N GLU A 58 -19.91 -46.15 -11.40
CA GLU A 58 -20.61 -47.14 -12.22
C GLU A 58 -21.21 -46.53 -13.48
N GLN A 59 -21.64 -45.26 -13.44
CA GLN A 59 -22.17 -44.62 -14.64
C GLN A 59 -21.10 -44.49 -15.72
N LEU A 60 -19.87 -44.22 -15.31
CA LEU A 60 -18.77 -44.01 -16.23
C LEU A 60 -18.01 -45.30 -16.56
N SER A 61 -18.60 -46.46 -16.26
CA SER A 61 -17.94 -47.73 -16.56
C SER A 61 -17.87 -47.97 -18.06
N SER A 62 -19.01 -47.95 -18.73
CA SER A 62 -19.10 -48.15 -20.17
C SER A 62 -19.57 -46.86 -20.83
N VAL A 63 -18.71 -46.27 -21.65
CA VAL A 63 -18.99 -44.99 -22.30
C VAL A 63 -18.64 -45.10 -23.77
N SER A 64 -19.54 -44.65 -24.64
CA SER A 64 -19.33 -44.67 -26.08
C SER A 64 -18.89 -43.31 -26.63
N SER A 65 -19.32 -42.22 -26.01
CA SER A 65 -18.94 -40.87 -26.42
C SER A 65 -18.55 -40.08 -25.18
N PHE A 66 -17.41 -39.39 -25.24
CA PHE A 66 -16.88 -38.71 -24.06
C PHE A 66 -16.03 -37.54 -24.51
N GLU A 67 -16.54 -36.33 -24.31
CA GLU A 67 -15.79 -35.11 -24.58
C GLU A 67 -16.12 -34.09 -23.50
N ARG A 68 -15.12 -33.31 -23.09
CA ARG A 68 -15.33 -32.27 -22.11
C ARG A 68 -15.36 -30.90 -22.79
N PHE A 69 -16.14 -30.00 -22.20
CA PHE A 69 -16.35 -28.67 -22.76
C PHE A 69 -16.40 -27.66 -21.63
N GLU A 70 -15.93 -26.45 -21.94
CA GLU A 70 -15.93 -25.36 -20.96
C GLU A 70 -17.34 -24.87 -20.72
N ILE A 71 -18.03 -25.46 -19.72
CA ILE A 71 -19.40 -25.08 -19.44
C ILE A 71 -19.47 -23.66 -18.90
N PHE A 72 -18.46 -23.23 -18.14
CA PHE A 72 -18.36 -21.86 -17.66
C PHE A 72 -16.97 -21.33 -17.98
N PRO A 73 -16.83 -20.44 -18.96
CA PRO A 73 -15.49 -19.89 -19.27
C PRO A 73 -14.91 -19.13 -18.08
N LYS A 74 -13.63 -19.39 -17.81
CA LYS A 74 -12.98 -18.78 -16.65
C LYS A 74 -12.83 -17.27 -16.83
N GLU A 75 -12.36 -16.85 -18.01
CA GLU A 75 -12.11 -15.44 -18.27
C GLU A 75 -13.36 -14.67 -18.70
N SER A 76 -14.52 -15.30 -18.70
CA SER A 76 -15.73 -14.68 -19.23
C SER A 76 -16.90 -14.66 -18.26
N SER A 77 -17.06 -15.67 -17.41
CA SER A 77 -18.28 -15.84 -16.63
C SER A 77 -18.18 -15.37 -15.19
N TRP A 78 -16.99 -14.94 -14.74
CA TRP A 78 -16.79 -14.54 -13.35
C TRP A 78 -16.09 -13.19 -13.30
N PRO A 79 -16.84 -12.11 -13.54
CA PRO A 79 -16.22 -10.77 -13.54
C PRO A 79 -15.93 -10.25 -12.14
N ASN A 80 -16.93 -10.31 -11.26
CA ASN A 80 -16.81 -9.74 -9.92
C ASN A 80 -16.12 -10.66 -8.94
N HIS A 81 -15.68 -11.85 -9.35
CA HIS A 81 -15.08 -12.81 -8.44
C HIS A 81 -13.68 -13.19 -8.92
N THR A 82 -12.86 -13.62 -7.96
CA THR A 82 -11.49 -14.05 -8.23
C THR A 82 -11.47 -15.54 -8.52
N THR A 83 -10.84 -15.91 -9.63
CA THR A 83 -10.85 -17.30 -10.11
C THR A 83 -9.50 -17.99 -10.02
N THR A 84 -8.43 -17.26 -9.70
CA THR A 84 -7.07 -17.81 -9.77
C THR A 84 -6.66 -18.50 -8.47
N GLY A 85 -7.63 -19.06 -7.75
CA GLY A 85 -7.32 -19.70 -6.48
C GLY A 85 -6.57 -21.00 -6.68
N VAL A 86 -5.44 -21.14 -6.00
CA VAL A 86 -4.61 -22.34 -6.08
C VAL A 86 -4.22 -22.77 -4.66
N SER A 87 -4.20 -24.07 -4.44
CA SER A 87 -3.95 -24.64 -3.12
C SER A 87 -2.62 -25.37 -3.10
N ALA A 88 -1.93 -25.31 -1.95
CA ALA A 88 -0.67 -26.01 -1.79
C ALA A 88 -0.86 -27.52 -1.71
N SER A 89 -2.04 -27.98 -1.30
CA SER A 89 -2.30 -29.42 -1.24
C SER A 89 -2.37 -30.03 -2.63
N CYS A 90 -2.89 -29.29 -3.60
CA CYS A 90 -2.93 -29.75 -4.99
C CYS A 90 -1.69 -29.30 -5.76
N SER A 91 -0.53 -29.52 -5.17
CA SER A 91 0.73 -29.11 -5.77
C SER A 91 1.04 -29.95 -7.00
N HIS A 92 1.69 -29.32 -7.99
CA HIS A 92 2.02 -29.97 -9.24
C HIS A 92 3.38 -29.47 -9.70
N ASN A 93 4.40 -30.33 -9.60
CA ASN A 93 5.76 -30.00 -10.01
C ASN A 93 6.29 -28.77 -9.25
N GLY A 94 6.15 -28.82 -7.93
CA GLY A 94 6.63 -27.73 -7.09
C GLY A 94 5.90 -26.42 -7.32
N GLU A 95 4.58 -26.47 -7.45
CA GLU A 95 3.78 -25.29 -7.72
C GLU A 95 2.36 -25.55 -7.26
N SER A 96 1.80 -24.62 -6.48
CA SER A 96 0.44 -24.78 -5.99
C SER A 96 -0.54 -24.69 -7.16
N SER A 97 -1.32 -25.75 -7.38
CA SER A 97 -2.28 -25.77 -8.47
C SER A 97 -3.68 -26.04 -7.93
N PHE A 98 -4.58 -26.46 -8.82
CA PHE A 98 -5.96 -26.75 -8.44
C PHE A 98 -6.55 -27.66 -9.51
N TYR A 99 -7.78 -28.11 -9.26
CA TYR A 99 -8.48 -28.93 -10.26
C TYR A 99 -8.68 -28.13 -11.54
N LYS A 100 -8.46 -28.79 -12.68
CA LYS A 100 -8.59 -28.10 -13.95
C LYS A 100 -10.05 -27.99 -14.38
N ASN A 101 -10.91 -28.90 -13.93
CA ASN A 101 -12.33 -28.85 -14.28
C ASN A 101 -13.15 -28.00 -13.33
N LEU A 102 -12.58 -27.58 -12.21
CA LEU A 102 -13.28 -26.76 -11.23
C LEU A 102 -12.56 -25.43 -11.04
N LEU A 103 -13.29 -24.46 -10.51
CA LEU A 103 -12.74 -23.14 -10.22
C LEU A 103 -13.04 -22.77 -8.78
N TRP A 104 -12.03 -22.22 -8.10
CA TRP A 104 -12.16 -21.78 -6.71
C TRP A 104 -12.48 -20.29 -6.71
N LEU A 105 -13.76 -19.98 -6.84
CA LEU A 105 -14.20 -18.59 -6.81
C LEU A 105 -14.05 -18.03 -5.41
N THR A 106 -13.39 -16.88 -5.29
CA THR A 106 -13.27 -16.18 -4.03
C THR A 106 -13.69 -14.73 -4.21
N GLY A 107 -13.47 -13.91 -3.19
CA GLY A 107 -13.86 -12.52 -3.26
C GLY A 107 -12.90 -11.69 -4.10
N LYS A 108 -13.42 -10.57 -4.58
CA LYS A 108 -12.63 -9.57 -5.30
C LYS A 108 -12.89 -8.21 -4.67
N ASN A 109 -11.81 -7.49 -4.34
CA ASN A 109 -11.90 -6.22 -3.62
C ASN A 109 -12.66 -6.40 -2.30
N GLY A 110 -12.39 -7.50 -1.61
CA GLY A 110 -13.01 -7.77 -0.33
C GLY A 110 -14.51 -7.97 -0.40
N LEU A 111 -15.05 -8.24 -1.57
CA LEU A 111 -16.49 -8.40 -1.75
C LEU A 111 -16.77 -9.69 -2.51
N TYR A 112 -17.92 -10.29 -2.20
CA TYR A 112 -18.37 -11.52 -2.86
C TYR A 112 -19.86 -11.39 -3.13
N PRO A 113 -20.24 -10.73 -4.23
CA PRO A 113 -21.65 -10.60 -4.55
C PRO A 113 -22.24 -11.93 -4.98
N ASN A 114 -23.54 -12.10 -4.70
CA ASN A 114 -24.22 -13.34 -5.05
C ASN A 114 -24.29 -13.49 -6.56
N LEU A 115 -23.89 -14.65 -7.06
CA LEU A 115 -23.87 -14.94 -8.47
C LEU A 115 -25.02 -15.87 -8.84
N SER A 116 -25.38 -15.86 -10.13
CA SER A 116 -26.47 -16.70 -10.63
C SER A 116 -26.12 -17.08 -12.07
N LYS A 117 -25.61 -18.30 -12.25
CA LYS A 117 -25.19 -18.80 -13.55
C LYS A 117 -26.01 -20.02 -13.92
N SER A 118 -26.51 -20.04 -15.15
CA SER A 118 -27.32 -21.13 -15.65
C SER A 118 -26.71 -21.69 -16.93
N TYR A 119 -27.12 -22.91 -17.28
CA TYR A 119 -26.62 -23.58 -18.48
C TYR A 119 -27.73 -24.45 -19.05
N ALA A 120 -27.93 -24.35 -20.37
CA ALA A 120 -28.91 -25.17 -21.08
C ALA A 120 -28.18 -26.26 -21.85
N ASN A 121 -28.59 -27.51 -21.63
CA ASN A 121 -27.96 -28.65 -22.28
C ASN A 121 -28.55 -28.80 -23.68
N ASN A 122 -27.97 -28.08 -24.64
CA ASN A 122 -28.37 -28.15 -26.03
C ASN A 122 -27.46 -29.06 -26.84
N LYS A 123 -26.82 -30.03 -26.20
CA LYS A 123 -25.83 -30.89 -26.84
C LYS A 123 -26.40 -32.24 -27.27
N GLU A 124 -27.71 -32.45 -27.11
CA GLU A 124 -28.40 -33.68 -27.48
C GLU A 124 -27.81 -34.91 -26.78
N LYS A 125 -26.97 -34.72 -25.76
CA LYS A 125 -26.38 -35.82 -25.02
C LYS A 125 -26.43 -35.49 -23.54
N GLU A 126 -26.05 -36.47 -22.72
CA GLU A 126 -26.09 -36.31 -21.27
C GLU A 126 -24.80 -35.63 -20.80
N VAL A 127 -24.95 -34.55 -20.04
CA VAL A 127 -23.82 -33.76 -19.56
C VAL A 127 -23.59 -34.08 -18.08
N LEU A 128 -22.34 -34.37 -17.73
CA LEU A 128 -21.94 -34.60 -16.35
C LEU A 128 -21.36 -33.32 -15.78
N VAL A 129 -22.07 -32.73 -14.82
CA VAL A 129 -21.66 -31.49 -14.17
C VAL A 129 -21.17 -31.83 -12.76
N LEU A 130 -20.03 -31.27 -12.39
CA LEU A 130 -19.45 -31.49 -11.07
C LEU A 130 -19.15 -30.14 -10.43
N TRP A 131 -19.38 -30.05 -9.12
CA TRP A 131 -19.12 -28.83 -8.37
C TRP A 131 -18.75 -29.20 -6.94
N GLY A 132 -18.11 -28.26 -6.26
CA GLY A 132 -17.71 -28.47 -4.88
C GLY A 132 -18.21 -27.35 -4.00
N VAL A 133 -18.20 -27.61 -2.70
CA VAL A 133 -18.57 -26.64 -1.68
C VAL A 133 -17.45 -26.59 -0.64
N HIS A 134 -16.85 -25.43 -0.46
CA HIS A 134 -15.74 -25.29 0.45
C HIS A 134 -16.21 -25.14 1.89
N HIS A 135 -15.44 -25.71 2.82
CA HIS A 135 -15.74 -25.61 4.24
C HIS A 135 -14.49 -25.14 4.97
N PRO A 136 -14.38 -23.84 5.27
CA PRO A 136 -13.18 -23.36 5.95
C PRO A 136 -13.15 -23.87 7.39
N PRO A 137 -11.95 -23.96 7.98
CA PRO A 137 -11.85 -24.49 9.35
C PRO A 137 -12.32 -23.51 10.42
N ASN A 138 -12.22 -22.22 10.16
CA ASN A 138 -12.63 -21.20 11.12
C ASN A 138 -13.37 -20.09 10.40
N ILE A 139 -14.15 -19.33 11.19
CA ILE A 139 -14.99 -18.28 10.61
C ILE A 139 -14.17 -17.09 10.13
N GLY A 140 -12.96 -16.90 10.67
CA GLY A 140 -12.12 -15.82 10.18
C GLY A 140 -11.73 -16.01 8.72
N ASP A 141 -11.47 -17.25 8.31
CA ASP A 141 -11.17 -17.53 6.92
C ASP A 141 -12.42 -17.54 6.05
N GLN A 142 -13.57 -17.82 6.65
CA GLN A 142 -14.83 -17.74 5.91
C GLN A 142 -15.10 -16.31 5.45
N ARG A 143 -14.87 -15.34 6.33
CA ARG A 143 -15.07 -13.95 5.95
C ARG A 143 -13.98 -13.44 5.02
N ALA A 144 -12.76 -13.96 5.16
CA ALA A 144 -11.67 -13.54 4.30
C ALA A 144 -11.93 -13.93 2.85
N LEU A 145 -12.49 -15.12 2.63
CA LEU A 145 -12.67 -15.66 1.30
C LEU A 145 -13.99 -15.22 0.65
N TYR A 146 -15.09 -15.23 1.40
CA TYR A 146 -16.41 -15.07 0.83
C TYR A 146 -17.20 -13.92 1.45
N HIS A 147 -16.58 -13.14 2.34
CA HIS A 147 -17.14 -11.89 2.86
C HIS A 147 -18.37 -12.10 3.75
N THR A 148 -19.07 -13.22 3.58
CA THR A 148 -20.28 -13.49 4.34
C THR A 148 -20.09 -14.72 5.23
N GLU A 149 -20.84 -14.75 6.32
CA GLU A 149 -20.85 -15.89 7.22
C GLU A 149 -22.06 -16.78 7.03
N ASN A 150 -23.12 -16.27 6.43
CA ASN A 150 -24.32 -17.07 6.13
C ASN A 150 -24.35 -17.39 4.63
N ALA A 151 -23.37 -18.19 4.22
CA ALA A 151 -23.22 -18.52 2.81
C ALA A 151 -24.19 -19.63 2.40
N TYR A 152 -24.74 -19.51 1.20
CA TYR A 152 -25.63 -20.52 0.64
C TYR A 152 -25.17 -20.85 -0.77
N VAL A 153 -25.38 -22.12 -1.16
CA VAL A 153 -25.08 -22.59 -2.50
C VAL A 153 -26.26 -23.45 -2.95
N SER A 154 -27.02 -22.97 -3.93
CA SER A 154 -28.20 -23.67 -4.42
C SER A 154 -27.93 -24.18 -5.83
N VAL A 155 -28.07 -25.50 -6.01
CA VAL A 155 -27.88 -26.15 -7.30
C VAL A 155 -29.21 -26.81 -7.65
N VAL A 156 -29.98 -26.17 -8.54
CA VAL A 156 -31.31 -26.63 -8.90
C VAL A 156 -31.30 -27.03 -10.37
N SER A 157 -31.77 -28.24 -10.65
CA SER A 157 -31.95 -28.72 -12.03
C SER A 157 -33.39 -29.18 -12.22
N SER A 158 -33.70 -29.76 -13.38
CA SER A 158 -35.02 -30.34 -13.59
C SER A 158 -35.18 -31.64 -12.80
N HIS A 159 -34.11 -32.41 -12.66
CA HIS A 159 -34.13 -33.66 -11.92
C HIS A 159 -33.19 -33.62 -10.71
N TYR A 160 -32.86 -32.43 -10.24
CA TYR A 160 -31.95 -32.28 -9.11
C TYR A 160 -32.23 -30.95 -8.42
N SER A 161 -32.22 -30.97 -7.10
CA SER A 161 -32.47 -29.75 -6.32
C SER A 161 -31.89 -29.96 -4.93
N ARG A 162 -30.81 -29.24 -4.63
CA ARG A 162 -30.16 -29.36 -3.32
C ARG A 162 -29.50 -28.04 -2.97
N LYS A 163 -29.61 -27.64 -1.72
CA LYS A 163 -28.99 -26.44 -1.20
C LYS A 163 -27.89 -26.82 -0.22
N PHE A 164 -26.84 -26.00 -0.19
CA PHE A 164 -25.65 -26.31 0.60
C PHE A 164 -25.31 -25.15 1.51
N THR A 165 -24.83 -25.47 2.72
CA THR A 165 -24.36 -24.50 3.68
C THR A 165 -23.03 -24.98 4.25
N PRO A 166 -22.08 -24.07 4.49
CA PRO A 166 -20.78 -24.50 5.00
C PRO A 166 -20.84 -24.91 6.46
N GLU A 167 -20.12 -25.98 6.79
CA GLU A 167 -19.96 -26.43 8.18
C GLU A 167 -18.59 -25.97 8.64
N ILE A 168 -18.55 -24.78 9.25
CA ILE A 168 -17.30 -24.19 9.72
C ILE A 168 -16.79 -25.01 10.90
N ALA A 169 -15.72 -25.78 10.69
CA ALA A 169 -15.18 -26.61 11.75
C ALA A 169 -13.74 -26.98 11.40
N LYS A 170 -12.92 -27.10 12.44
CA LYS A 170 -11.50 -27.42 12.29
C LYS A 170 -11.34 -28.92 12.15
N ARG A 171 -11.15 -29.38 10.92
CA ARG A 171 -10.98 -30.80 10.62
C ARG A 171 -9.56 -31.24 10.96
N PRO A 172 -9.32 -32.55 11.04
CA PRO A 172 -7.94 -33.03 11.19
C PRO A 172 -7.09 -32.61 10.00
N LYS A 173 -5.80 -32.45 10.25
CA LYS A 173 -4.87 -31.92 9.26
C LYS A 173 -4.55 -33.01 8.23
N VAL A 174 -4.99 -32.81 7.00
CA VAL A 174 -4.71 -33.71 5.88
C VAL A 174 -4.12 -32.90 4.76
N ARG A 175 -2.86 -33.20 4.40
CA ARG A 175 -2.13 -32.46 3.36
C ARG A 175 -2.13 -30.97 3.67
N ASP A 176 -1.90 -30.62 4.94
CA ASP A 176 -1.84 -29.24 5.41
C ASP A 176 -3.16 -28.50 5.12
N GLN A 177 -4.28 -29.22 5.24
CA GLN A 177 -5.60 -28.66 4.98
C GLN A 177 -6.53 -29.04 6.13
N GLU A 178 -6.87 -28.05 6.96
CA GLU A 178 -7.81 -28.25 8.05
C GLU A 178 -9.25 -27.93 7.65
N GLY A 179 -9.49 -27.68 6.36
CA GLY A 179 -10.82 -27.54 5.82
C GLY A 179 -11.13 -28.66 4.85
N ARG A 180 -12.34 -28.62 4.31
CA ARG A 180 -12.83 -29.66 3.42
C ARG A 180 -13.60 -29.04 2.27
N ILE A 181 -13.68 -29.79 1.17
CA ILE A 181 -14.47 -29.44 0.00
C ILE A 181 -15.23 -30.70 -0.41
N ASN A 182 -16.55 -30.68 -0.26
CA ASN A 182 -17.40 -31.80 -0.65
C ASN A 182 -17.73 -31.69 -2.14
N TYR A 183 -17.51 -32.78 -2.87
CA TYR A 183 -17.69 -32.79 -4.32
C TYR A 183 -19.01 -33.46 -4.67
N TYR A 184 -19.82 -32.78 -5.47
CA TYR A 184 -21.12 -33.26 -5.88
C TYR A 184 -21.21 -33.28 -7.40
N TRP A 185 -22.05 -34.17 -7.93
CA TRP A 185 -22.19 -34.34 -9.37
C TRP A 185 -23.64 -34.66 -9.71
N THR A 186 -23.99 -34.41 -10.97
CA THR A 186 -25.31 -34.73 -11.48
C THR A 186 -25.22 -34.91 -12.99
N LEU A 187 -26.20 -35.61 -13.54
CA LEU A 187 -26.30 -35.83 -14.98
C LEU A 187 -27.41 -34.94 -15.53
N LEU A 188 -27.07 -34.11 -16.50
CA LEU A 188 -28.01 -33.16 -17.11
C LEU A 188 -28.50 -33.75 -18.42
N GLU A 189 -29.77 -34.17 -18.44
CA GLU A 189 -30.35 -34.73 -19.64
C GLU A 189 -30.50 -33.67 -20.72
N PRO A 190 -30.52 -34.07 -21.99
CA PRO A 190 -30.68 -33.10 -23.09
C PRO A 190 -31.97 -32.30 -22.93
N GLY A 191 -31.82 -30.97 -22.91
CA GLY A 191 -32.91 -30.06 -22.68
C GLY A 191 -33.01 -29.54 -21.27
N ASP A 192 -32.41 -30.23 -20.30
CA ASP A 192 -32.44 -29.80 -18.91
C ASP A 192 -31.60 -28.54 -18.73
N THR A 193 -31.93 -27.77 -17.70
CA THR A 193 -31.23 -26.55 -17.36
C THR A 193 -30.83 -26.60 -15.90
N ILE A 194 -29.55 -26.43 -15.62
CA ILE A 194 -29.01 -26.45 -14.26
C ILE A 194 -28.72 -25.02 -13.84
N ILE A 195 -29.01 -24.70 -12.58
CA ILE A 195 -28.86 -23.35 -12.04
C ILE A 195 -27.84 -23.39 -10.91
N PHE A 196 -27.00 -22.36 -10.85
CA PHE A 196 -26.02 -22.20 -9.78
C PHE A 196 -26.16 -20.81 -9.20
N GLU A 197 -26.67 -20.72 -7.97
CA GLU A 197 -26.77 -19.47 -7.24
C GLU A 197 -26.05 -19.64 -5.91
N ALA A 198 -25.12 -18.72 -5.63
CA ALA A 198 -24.31 -18.82 -4.43
C ALA A 198 -23.82 -17.44 -4.03
N ASN A 199 -23.47 -17.31 -2.75
CA ASN A 199 -22.86 -16.10 -2.22
C ASN A 199 -21.54 -16.41 -1.51
N GLY A 200 -20.97 -17.58 -1.76
CA GLY A 200 -19.72 -17.96 -1.15
C GLY A 200 -19.56 -19.46 -1.13
N ASN A 201 -18.32 -19.88 -0.82
CA ASN A 201 -17.96 -21.29 -0.61
C ASN A 201 -18.28 -22.17 -1.82
N LEU A 202 -18.46 -21.58 -2.99
CA LEU A 202 -18.78 -22.34 -4.19
C LEU A 202 -17.52 -22.66 -4.97
N ILE A 203 -17.32 -23.93 -5.29
CA ILE A 203 -16.25 -24.38 -6.18
C ILE A 203 -16.93 -24.56 -7.54
N ALA A 204 -16.93 -23.49 -8.33
CA ALA A 204 -17.69 -23.47 -9.56
C ALA A 204 -17.13 -24.47 -10.58
N PRO A 205 -17.99 -25.03 -11.42
CA PRO A 205 -17.49 -25.91 -12.49
C PRO A 205 -16.92 -25.12 -13.64
N ARG A 206 -15.84 -25.63 -14.21
CA ARG A 206 -15.25 -25.05 -15.42
C ARG A 206 -15.47 -25.93 -16.64
N TYR A 207 -15.11 -27.20 -16.58
CA TYR A 207 -15.29 -28.13 -17.69
C TYR A 207 -16.31 -29.19 -17.27
N ALA A 208 -17.40 -29.29 -18.03
CA ALA A 208 -18.35 -30.38 -17.87
C ALA A 208 -17.93 -31.54 -18.77
N PHE A 209 -18.82 -32.52 -18.94
CA PHE A 209 -18.53 -33.68 -19.78
C PHE A 209 -19.82 -34.09 -20.50
N ALA A 210 -19.87 -33.88 -21.81
CA ALA A 210 -20.97 -34.37 -22.63
C ALA A 210 -20.66 -35.82 -23.00
N LEU A 211 -21.43 -36.75 -22.44
CA LEU A 211 -21.16 -38.18 -22.59
C LEU A 211 -22.44 -38.90 -23.01
N SER A 212 -22.31 -40.21 -23.19
CA SER A 212 -23.44 -41.09 -23.47
C SER A 212 -23.05 -42.49 -23.08
N ARG A 213 -23.73 -43.07 -22.09
CA ARG A 213 -23.42 -44.42 -21.63
C ARG A 213 -23.87 -45.43 -22.68
N GLY A 214 -22.90 -46.09 -23.32
CA GLY A 214 -23.20 -47.08 -24.33
C GLY A 214 -22.30 -48.29 -24.25
N PHE A 215 -21.95 -48.84 -25.40
CA PHE A 215 -21.08 -50.01 -25.46
C PHE A 215 -19.62 -49.61 -25.64
N SER B 1 10.24 -13.36 17.10
CA SER B 1 9.15 -12.88 16.26
C SER B 1 9.24 -11.36 16.06
N GLU B 2 10.33 -10.93 15.42
CA GLU B 2 10.57 -9.52 15.17
C GLU B 2 11.33 -9.37 13.86
N LEU B 3 11.03 -8.31 13.12
CA LEU B 3 11.68 -8.03 11.85
C LEU B 3 12.90 -7.14 12.06
N THR B 4 14.01 -7.49 11.43
CA THR B 4 15.26 -6.75 11.55
C THR B 4 15.78 -6.45 10.15
N GLN B 5 16.20 -5.20 9.94
CA GLN B 5 16.77 -4.76 8.68
C GLN B 5 18.11 -4.08 8.93
N ASP B 6 18.86 -3.86 7.85
CA ASP B 6 20.09 -3.11 7.94
C ASP B 6 19.77 -1.62 8.02
N PRO B 7 20.30 -0.90 9.02
CA PRO B 7 19.92 0.52 9.17
C PRO B 7 20.21 1.37 7.95
N ALA B 8 21.33 1.14 7.27
CA ALA B 8 21.68 1.93 6.10
C ALA B 8 22.53 1.08 5.16
N VAL B 9 22.39 1.36 3.86
CA VAL B 9 23.18 0.69 2.84
C VAL B 9 23.29 1.64 1.65
N SER B 10 24.39 1.54 0.92
CA SER B 10 24.66 2.44 -0.19
C SER B 10 24.96 1.65 -1.46
N VAL B 11 24.65 2.25 -2.59
CA VAL B 11 24.85 1.63 -3.89
C VAL B 11 25.18 2.72 -4.90
N ALA B 12 26.14 2.44 -5.78
CA ALA B 12 26.47 3.36 -6.84
C ALA B 12 25.46 3.24 -7.98
N LEU B 13 25.41 4.27 -8.82
CA LEU B 13 24.51 4.25 -9.97
C LEU B 13 24.81 3.06 -10.87
N GLY B 14 23.76 2.40 -11.34
CA GLY B 14 23.88 1.25 -12.19
C GLY B 14 24.27 -0.04 -11.51
N GLN B 15 24.62 0.01 -10.23
CA GLN B 15 25.00 -1.18 -9.50
C GLN B 15 23.76 -1.84 -8.87
N THR B 16 23.96 -3.02 -8.31
CA THR B 16 22.90 -3.80 -7.71
C THR B 16 23.08 -3.87 -6.20
N VAL B 17 22.00 -3.65 -5.46
CA VAL B 17 22.00 -3.73 -4.01
C VAL B 17 20.87 -4.67 -3.58
N ARG B 18 21.10 -5.38 -2.47
CA ARG B 18 20.11 -6.29 -1.91
C ARG B 18 19.89 -5.93 -0.45
N ILE B 19 18.66 -5.57 -0.11
CA ILE B 19 18.29 -5.23 1.26
C ILE B 19 17.67 -6.47 1.89
N THR B 20 18.22 -6.90 3.03
CA THR B 20 17.77 -8.12 3.70
C THR B 20 16.94 -7.77 4.92
N CYS B 21 15.83 -8.51 5.09
CA CYS B 21 14.91 -8.32 6.21
C CYS B 21 14.64 -9.69 6.83
N GLN B 22 15.14 -9.88 8.06
CA GLN B 22 15.11 -11.17 8.73
C GLN B 22 14.09 -11.17 9.86
N GLY B 23 13.43 -12.30 10.05
CA GLY B 23 12.44 -12.44 11.10
C GLY B 23 11.74 -13.78 11.10
N ASP B 24 11.36 -14.27 12.28
CA ASP B 24 10.69 -15.56 12.36
C ASP B 24 9.26 -15.52 11.85
N SER B 25 8.64 -14.34 11.79
CA SER B 25 7.27 -14.23 11.33
C SER B 25 7.14 -14.34 9.81
N LEU B 26 8.26 -14.40 9.08
CA LEU B 26 8.22 -14.52 7.63
C LEU B 26 7.96 -15.95 7.16
N ARG B 27 7.73 -16.89 8.07
CA ARG B 27 7.47 -18.27 7.71
C ARG B 27 5.98 -18.62 7.73
N GLY B 28 5.11 -17.61 7.81
CA GLY B 28 3.69 -17.83 7.82
C GLY B 28 2.94 -16.93 6.86
N TYR B 29 3.54 -15.79 6.55
CA TYR B 29 2.95 -14.84 5.60
C TYR B 29 4.07 -14.23 4.76
N TYR B 30 3.72 -13.87 3.53
CA TYR B 30 4.68 -13.29 2.61
C TYR B 30 5.12 -11.90 3.08
N ALA B 31 6.29 -11.49 2.62
CA ALA B 31 6.88 -10.22 3.02
C ALA B 31 6.72 -9.19 1.91
N SER B 32 6.23 -8.01 2.28
CA SER B 32 6.08 -6.90 1.34
C SER B 32 7.18 -5.87 1.57
N TRP B 33 7.26 -4.92 0.66
CA TRP B 33 8.27 -3.87 0.72
C TRP B 33 7.64 -2.53 0.36
N HIS B 34 7.85 -1.53 1.21
CA HIS B 34 7.28 -0.20 1.01
C HIS B 34 8.41 0.81 0.91
N GLN B 35 8.32 1.69 -0.08
CA GLN B 35 9.31 2.73 -0.33
C GLN B 35 8.75 4.06 0.13
N GLN B 36 9.56 4.80 0.90
CA GLN B 36 9.16 6.11 1.41
C GLN B 36 10.24 7.12 1.12
N LYS B 37 9.91 8.14 0.34
CA LYS B 37 10.79 9.27 0.08
C LYS B 37 10.51 10.37 1.09
N PRO B 38 11.49 11.26 1.34
CA PRO B 38 11.29 12.28 2.37
C PRO B 38 10.12 13.20 2.06
N GLY B 39 9.27 13.38 3.06
CA GLY B 39 8.11 14.24 2.88
C GLY B 39 6.97 13.61 2.11
N GLN B 40 7.00 12.30 1.89
CA GLN B 40 5.98 11.61 1.13
C GLN B 40 5.45 10.42 1.91
N ALA B 41 4.26 9.97 1.53
CA ALA B 41 3.70 8.75 2.06
C ALA B 41 4.43 7.54 1.49
N PRO B 42 4.43 6.41 2.19
CA PRO B 42 5.07 5.21 1.64
C PRO B 42 4.37 4.73 0.38
N VAL B 43 5.16 4.10 -0.49
CA VAL B 43 4.67 3.53 -1.74
C VAL B 43 5.04 2.06 -1.76
N LEU B 44 4.06 1.21 -2.03
CA LEU B 44 4.28 -0.24 -2.08
C LEU B 44 4.99 -0.61 -3.37
N VAL B 45 6.15 -1.24 -3.25
CA VAL B 45 6.91 -1.69 -4.41
C VAL B 45 6.83 -3.19 -4.63
N ILE B 46 6.53 -3.97 -3.61
CA ILE B 46 6.47 -5.43 -3.71
C ILE B 46 5.28 -5.91 -2.89
N TYR B 47 4.26 -6.47 -3.56
CA TYR B 47 3.18 -7.15 -2.85
C TYR B 47 3.72 -8.22 -1.92
N GLY B 48 4.61 -9.06 -2.44
CA GLY B 48 5.18 -10.17 -1.71
C GLY B 48 5.69 -11.23 -2.65
N LYS B 49 6.67 -12.01 -2.19
CA LYS B 49 7.30 -13.10 -2.96
C LYS B 49 7.51 -12.71 -4.42
N ASN B 50 8.07 -11.51 -4.62
CA ASN B 50 8.39 -10.97 -5.93
C ASN B 50 7.14 -10.77 -6.78
N ASN B 51 6.26 -9.91 -6.29
CA ASN B 51 5.07 -9.49 -7.03
C ASN B 51 4.97 -7.97 -6.95
N ARG B 52 5.09 -7.33 -8.10
CA ARG B 52 5.06 -5.87 -8.03
C ARG B 52 3.69 -5.33 -8.40
N PRO B 53 3.31 -4.18 -7.86
CA PRO B 53 2.09 -3.52 -8.31
C PRO B 53 2.25 -2.92 -9.69
N SER B 54 1.18 -2.36 -10.23
CA SER B 54 1.25 -1.69 -11.53
C SER B 54 1.93 -0.34 -11.37
N GLY B 55 2.90 -0.07 -12.24
CA GLY B 55 3.64 1.18 -12.20
C GLY B 55 4.99 1.11 -11.54
N ILE B 56 5.36 -0.04 -10.96
CA ILE B 56 6.66 -0.21 -10.31
C ILE B 56 7.64 -0.78 -11.35
N PRO B 57 8.83 -0.20 -11.49
CA PRO B 57 9.78 -0.73 -12.48
C PRO B 57 10.20 -2.15 -12.12
N ASP B 58 10.52 -2.93 -13.16
CA ASP B 58 10.90 -4.32 -12.96
C ASP B 58 12.25 -4.48 -12.29
N ARG B 59 13.01 -3.39 -12.11
CA ARG B 59 14.29 -3.51 -11.42
C ARG B 59 14.14 -3.79 -9.93
N PHE B 60 12.92 -3.68 -9.39
CA PHE B 60 12.63 -4.13 -8.03
C PHE B 60 12.21 -5.59 -8.07
N SER B 61 12.75 -6.39 -7.16
CA SER B 61 12.42 -7.81 -7.12
C SER B 61 12.59 -8.32 -5.70
N GLY B 62 11.74 -9.28 -5.33
CA GLY B 62 11.79 -9.87 -4.01
C GLY B 62 12.18 -11.33 -4.01
N SER B 63 12.58 -11.84 -2.85
CA SER B 63 12.99 -13.24 -2.74
C SER B 63 12.96 -13.62 -1.26
N ARG B 64 12.73 -14.91 -1.01
CA ARG B 64 12.65 -15.43 0.34
C ARG B 64 13.39 -16.75 0.41
N SER B 65 14.20 -16.92 1.47
CA SER B 65 14.94 -18.17 1.72
C SER B 65 14.82 -18.47 3.21
N GLY B 66 13.68 -18.98 3.60
CA GLY B 66 13.42 -19.31 5.00
C GLY B 66 12.88 -18.10 5.77
N ASN B 67 13.62 -17.68 6.79
CA ASN B 67 13.21 -16.59 7.65
C ASN B 67 13.72 -15.23 7.16
N THR B 68 14.35 -15.19 5.99
CA THR B 68 14.90 -13.95 5.46
C THR B 68 14.19 -13.58 4.16
N ALA B 69 13.86 -12.30 4.02
CA ALA B 69 13.30 -11.74 2.80
C ALA B 69 14.25 -10.68 2.27
N SER B 70 14.41 -10.65 0.96
CA SER B 70 15.38 -9.77 0.32
C SER B 70 14.71 -8.96 -0.78
N LEU B 71 14.95 -7.65 -0.78
CA LEU B 71 14.55 -6.76 -1.85
C LEU B 71 15.78 -6.40 -2.67
N THR B 72 15.72 -6.65 -3.98
CA THR B 72 16.85 -6.43 -4.88
C THR B 72 16.51 -5.34 -5.88
N ILE B 73 17.37 -4.34 -5.97
CA ILE B 73 17.25 -3.25 -6.94
C ILE B 73 18.39 -3.41 -7.94
N THR B 74 18.05 -3.82 -9.16
CA THR B 74 19.04 -4.03 -10.21
C THR B 74 19.21 -2.75 -11.02
N GLY B 75 20.46 -2.29 -11.15
CA GLY B 75 20.73 -1.05 -11.83
C GLY B 75 20.08 0.13 -11.14
N ALA B 76 20.58 0.46 -9.95
CA ALA B 76 19.94 1.48 -9.13
C ALA B 76 20.01 2.85 -9.80
N GLN B 77 18.94 3.61 -9.68
CA GLN B 77 18.86 4.96 -10.21
C GLN B 77 18.86 5.97 -9.06
N ALA B 78 18.89 7.25 -9.43
CA ALA B 78 18.93 8.30 -8.41
C ALA B 78 17.63 8.37 -7.62
N GLU B 79 16.49 8.18 -8.29
CA GLU B 79 15.20 8.28 -7.61
C GLU B 79 14.90 7.10 -6.72
N ASP B 80 15.74 6.06 -6.72
CA ASP B 80 15.57 4.93 -5.81
C ASP B 80 16.14 5.21 -4.42
N GLU B 81 16.68 6.39 -4.18
CA GLU B 81 17.22 6.77 -2.88
C GLU B 81 16.05 7.13 -1.96
N ALA B 82 15.71 6.23 -1.05
CA ALA B 82 14.59 6.43 -0.14
C ALA B 82 14.71 5.44 1.01
N ASP B 83 13.71 5.45 1.88
CA ASP B 83 13.61 4.47 2.97
C ASP B 83 12.82 3.25 2.50
N TYR B 84 13.22 2.08 2.98
CA TYR B 84 12.56 0.83 2.62
C TYR B 84 12.22 0.06 3.89
N TYR B 85 10.95 -0.28 4.04
CA TYR B 85 10.45 -1.01 5.21
C TYR B 85 9.82 -2.32 4.72
N CYS B 86 10.22 -3.43 5.34
CA CYS B 86 9.55 -4.69 5.11
C CYS B 86 8.41 -4.87 6.11
N ALA B 87 7.45 -5.71 5.75
CA ALA B 87 6.29 -5.92 6.59
C ALA B 87 5.69 -7.29 6.30
N SER B 88 5.05 -7.85 7.33
CA SER B 88 4.25 -9.06 7.20
C SER B 88 3.37 -9.16 8.45
N ARG B 89 2.78 -10.32 8.67
CA ARG B 89 1.99 -10.58 9.86
C ARG B 89 2.66 -11.67 10.70
N ASP B 90 2.53 -11.55 12.01
CA ASP B 90 3.03 -12.58 12.91
C ASP B 90 2.10 -13.78 12.90
N SER B 91 2.70 -14.97 12.98
CA SER B 91 1.94 -16.21 12.93
C SER B 91 1.56 -16.73 14.32
N SER B 92 1.25 -15.84 15.25
CA SER B 92 0.93 -16.27 16.62
C SER B 92 -0.08 -15.30 17.21
N GLY B 93 -1.08 -15.85 17.91
CA GLY B 93 -2.13 -15.05 18.52
C GLY B 93 -3.10 -14.43 17.53
N ASN B 94 -3.40 -13.15 17.72
CA ASN B 94 -4.30 -12.44 16.83
C ASN B 94 -3.64 -11.97 15.54
N HIS B 95 -2.42 -12.44 15.27
CA HIS B 95 -1.66 -12.11 14.06
C HIS B 95 -1.48 -10.61 13.93
N PRO B 96 -0.60 -10.00 14.72
CA PRO B 96 -0.32 -8.57 14.57
C PRO B 96 0.56 -8.31 13.36
N VAL B 97 0.65 -7.04 12.99
CA VAL B 97 1.48 -6.60 11.88
C VAL B 97 2.83 -6.17 12.42
N VAL B 98 3.90 -6.68 11.80
CA VAL B 98 5.27 -6.37 12.19
C VAL B 98 5.92 -5.56 11.08
N PHE B 99 6.55 -4.45 11.45
CA PHE B 99 7.32 -3.63 10.53
C PHE B 99 8.81 -3.80 10.78
N GLY B 100 9.60 -3.59 9.74
CA GLY B 100 11.04 -3.64 9.89
C GLY B 100 11.60 -2.32 10.39
N GLY B 101 12.85 -2.39 10.87
CA GLY B 101 13.51 -1.20 11.36
C GLY B 101 13.75 -0.14 10.30
N GLY B 102 13.66 -0.51 9.03
CA GLY B 102 13.91 0.41 7.94
C GLY B 102 15.35 0.31 7.43
N THR B 103 15.54 0.81 6.21
CA THR B 103 16.85 0.79 5.57
C THR B 103 16.99 2.04 4.72
N LYS B 104 17.93 2.91 5.10
CA LYS B 104 18.22 4.11 4.31
C LYS B 104 19.12 3.72 3.15
N LEU B 105 18.58 3.76 1.94
CA LEU B 105 19.35 3.47 0.74
C LEU B 105 19.90 4.77 0.16
N THR B 106 21.22 4.87 0.06
CA THR B 106 21.88 6.05 -0.48
C THR B 106 22.48 5.69 -1.84
N VAL B 107 22.07 6.44 -2.87
CA VAL B 107 22.61 6.26 -4.21
C VAL B 107 23.78 7.21 -4.39
N LEU B 108 24.92 6.68 -4.84
CA LEU B 108 26.18 7.41 -4.84
C LEU B 108 26.61 7.86 -6.22
N GLY B 109 25.69 7.89 -7.19
CA GLY B 109 25.96 8.59 -8.42
C GLY B 109 26.14 10.06 -8.10
N GLN B 110 27.21 10.67 -8.61
CA GLN B 110 27.65 11.99 -8.16
C GLN B 110 27.62 12.99 -9.30
N PRO B 111 26.46 13.54 -9.64
CA PRO B 111 26.43 14.74 -10.51
C PRO B 111 26.74 15.98 -9.68
N LYS B 112 28.02 16.12 -9.34
CA LYS B 112 28.46 17.14 -8.40
C LYS B 112 28.21 18.54 -8.94
N GLY B 113 27.55 19.36 -8.14
CA GLY B 113 27.24 20.73 -8.53
C GLY B 113 27.35 21.67 -7.37
N ALA B 114 27.71 22.92 -7.67
CA ALA B 114 27.85 23.95 -6.66
C ALA B 114 26.48 24.54 -6.29
N PRO B 115 26.30 24.93 -5.04
CA PRO B 115 24.99 25.45 -4.61
C PRO B 115 24.67 26.80 -5.24
N SER B 116 23.38 27.10 -5.27
CA SER B 116 22.85 28.36 -5.79
C SER B 116 22.26 29.14 -4.62
N VAL B 117 23.00 30.11 -4.11
CA VAL B 117 22.64 30.83 -2.90
C VAL B 117 21.84 32.08 -3.27
N THR B 118 20.74 32.30 -2.56
CA THR B 118 19.89 33.47 -2.77
C THR B 118 19.50 34.03 -1.41
N LEU B 119 19.83 35.30 -1.18
CA LEU B 119 19.60 35.97 0.10
C LEU B 119 18.50 37.00 -0.07
N PHE B 120 17.46 36.90 0.75
CA PHE B 120 16.33 37.82 0.70
C PHE B 120 16.34 38.73 1.92
N PRO B 121 16.25 40.04 1.75
CA PRO B 121 16.16 40.96 2.88
C PRO B 121 14.77 40.94 3.48
N PRO B 122 14.60 41.45 4.70
CA PRO B 122 13.25 41.52 5.28
C PRO B 122 12.32 42.35 4.41
N SER B 123 11.10 41.86 4.25
CA SER B 123 10.11 42.55 3.44
C SER B 123 9.66 43.83 4.12
N SER B 124 9.23 44.80 3.31
CA SER B 124 8.80 46.08 3.85
C SER B 124 7.57 45.92 4.75
N GLU B 125 6.67 45.00 4.40
CA GLU B 125 5.51 44.75 5.24
C GLU B 125 5.91 44.15 6.58
N GLU B 126 6.96 43.33 6.61
CA GLU B 126 7.43 42.77 7.87
C GLU B 126 8.02 43.84 8.78
N LEU B 127 8.66 44.86 8.20
CA LEU B 127 9.22 45.93 9.02
C LEU B 127 8.13 46.72 9.74
N GLN B 128 6.95 46.85 9.13
CA GLN B 128 5.86 47.57 9.77
C GLN B 128 5.30 46.81 10.97
N ALA B 129 5.53 45.50 11.05
CA ALA B 129 5.11 44.70 12.19
C ALA B 129 6.17 44.62 13.28
N ASN B 130 7.16 45.53 13.25
CA ASN B 130 8.25 45.55 14.21
C ASN B 130 9.02 44.23 14.20
N LYS B 131 9.21 43.67 13.01
CA LYS B 131 9.93 42.42 12.84
C LYS B 131 10.81 42.51 11.60
N ALA B 132 11.83 41.66 11.58
CA ALA B 132 12.76 41.62 10.45
C ALA B 132 13.46 40.27 10.46
N THR B 133 13.49 39.61 9.30
CA THR B 133 14.10 38.29 9.19
C THR B 133 14.71 38.15 7.80
N LEU B 134 15.97 37.73 7.75
CA LEU B 134 16.63 37.43 6.49
C LEU B 134 16.42 35.97 6.13
N VAL B 135 16.29 35.69 4.85
CA VAL B 135 16.02 34.35 4.34
C VAL B 135 17.12 34.00 3.33
N CYS B 136 18.00 33.08 3.72
CA CYS B 136 19.08 32.61 2.86
C CYS B 136 18.71 31.22 2.36
N LEU B 137 18.44 31.12 1.06
CA LEU B 137 17.98 29.87 0.45
C LEU B 137 19.12 29.23 -0.34
N ILE B 138 19.36 27.95 -0.07
CA ILE B 138 20.39 27.17 -0.74
C ILE B 138 19.72 26.03 -1.48
N SER B 139 20.22 25.72 -2.68
CA SER B 139 19.63 24.66 -3.48
C SER B 139 20.63 24.20 -4.53
N ASP B 140 20.41 22.98 -5.03
CA ASP B 140 21.20 22.38 -6.11
C ASP B 140 22.67 22.29 -5.73
N PHE B 141 22.93 21.44 -4.74
CA PHE B 141 24.31 21.16 -4.32
C PHE B 141 24.43 19.69 -3.97
N TYR B 142 25.56 19.09 -4.35
CA TYR B 142 25.84 17.68 -4.13
C TYR B 142 27.30 17.57 -3.70
N PRO B 143 27.60 16.90 -2.59
CA PRO B 143 26.63 16.21 -1.72
C PRO B 143 25.89 17.15 -0.78
N GLY B 144 25.08 16.59 0.11
CA GLY B 144 24.27 17.40 1.00
C GLY B 144 24.94 17.74 2.31
N ALA B 145 26.23 18.07 2.27
CA ALA B 145 26.99 18.50 3.43
C ALA B 145 27.38 19.95 3.23
N VAL B 146 26.84 20.84 4.06
CA VAL B 146 27.04 22.28 3.90
C VAL B 146 26.99 22.95 5.26
N THR B 147 27.71 24.05 5.39
CA THR B 147 27.70 24.86 6.60
C THR B 147 27.39 26.31 6.22
N VAL B 148 26.64 26.99 7.08
CA VAL B 148 26.18 28.35 6.82
C VAL B 148 26.76 29.27 7.88
N ALA B 149 27.18 30.45 7.45
CA ALA B 149 27.70 31.49 8.35
C ALA B 149 27.04 32.82 8.00
N TRP B 150 26.84 33.63 9.03
CA TRP B 150 26.21 34.95 8.87
C TRP B 150 27.16 36.03 9.35
N LYS B 151 27.14 37.16 8.65
CA LYS B 151 27.96 38.32 8.99
C LYS B 151 27.10 39.57 9.02
N ALA B 152 27.46 40.50 9.89
CA ALA B 152 26.82 41.80 9.99
C ALA B 152 27.89 42.87 9.86
N ASP B 153 27.93 43.53 8.69
CA ASP B 153 28.95 44.52 8.37
C ASP B 153 30.35 43.93 8.54
N SER B 154 30.56 42.78 7.91
CA SER B 154 31.85 42.07 7.93
C SER B 154 32.25 41.70 9.36
N SER B 155 31.26 41.35 10.19
CA SER B 155 31.50 40.89 11.54
C SER B 155 30.67 39.63 11.77
N PRO B 156 31.27 38.54 12.26
CA PRO B 156 30.52 37.29 12.42
C PRO B 156 29.45 37.41 13.49
N VAL B 157 28.27 36.88 13.17
CA VAL B 157 27.12 36.89 14.08
C VAL B 157 26.58 35.47 14.18
N LYS B 158 26.29 35.03 15.40
CA LYS B 158 25.79 33.68 15.65
C LYS B 158 24.47 33.65 16.40
N ALA B 159 23.97 34.80 16.87
CA ALA B 159 22.75 34.83 17.64
C ALA B 159 21.53 34.89 16.73
N GLY B 160 20.48 34.16 17.10
CA GLY B 160 19.25 34.18 16.35
C GLY B 160 19.34 33.56 14.97
N VAL B 161 20.23 32.59 14.78
CA VAL B 161 20.40 31.91 13.51
C VAL B 161 19.73 30.55 13.58
N GLU B 162 18.90 30.24 12.58
CA GLU B 162 18.23 28.95 12.48
C GLU B 162 18.48 28.40 11.09
N THR B 163 19.11 27.22 11.02
CA THR B 163 19.46 26.59 9.76
C THR B 163 18.87 25.19 9.71
N THR B 164 18.18 24.88 8.62
CA THR B 164 17.58 23.55 8.46
C THR B 164 18.63 22.56 7.96
N THR B 165 18.35 21.29 8.22
CA THR B 165 19.21 20.23 7.69
C THR B 165 18.94 20.05 6.20
N PRO B 166 19.98 19.72 5.43
CA PRO B 166 19.79 19.53 3.98
C PRO B 166 18.84 18.38 3.69
N SER B 167 17.96 18.58 2.72
CA SER B 167 16.98 17.59 2.31
C SER B 167 17.06 17.39 0.80
N LYS B 168 16.65 16.21 0.36
CA LYS B 168 16.71 15.89 -1.07
C LYS B 168 15.66 16.68 -1.84
N GLN B 169 16.07 17.21 -2.98
CA GLN B 169 15.18 18.00 -3.82
C GLN B 169 14.42 17.07 -4.78
N SER B 170 13.54 17.66 -5.60
CA SER B 170 12.76 16.87 -6.54
C SER B 170 13.65 16.31 -7.65
N ASN B 171 14.61 17.09 -8.12
CA ASN B 171 15.52 16.68 -9.19
C ASN B 171 16.73 15.92 -8.66
N ASN B 172 16.57 15.18 -7.55
CA ASN B 172 17.64 14.36 -6.98
C ASN B 172 18.85 15.22 -6.60
N LYS B 173 18.60 16.36 -5.96
CA LYS B 173 19.66 17.23 -5.48
C LYS B 173 19.52 17.45 -3.98
N TYR B 174 19.89 18.64 -3.51
CA TYR B 174 19.76 18.99 -2.11
C TYR B 174 19.42 20.47 -1.99
N ALA B 175 18.81 20.82 -0.86
CA ALA B 175 18.40 22.20 -0.62
C ALA B 175 18.21 22.41 0.88
N ALA B 176 18.58 23.60 1.35
CA ALA B 176 18.42 23.96 2.74
C ALA B 176 18.15 25.46 2.84
N SER B 177 17.66 25.86 4.01
CA SER B 177 17.31 27.25 4.26
C SER B 177 17.84 27.68 5.61
N SER B 178 18.38 28.90 5.67
CA SER B 178 18.86 29.50 6.90
C SER B 178 18.11 30.80 7.16
N TYR B 179 17.95 31.14 8.43
CA TYR B 179 17.21 32.33 8.82
C TYR B 179 17.98 33.09 9.89
N LEU B 180 17.91 34.42 9.83
CA LEU B 180 18.53 35.29 10.81
C LEU B 180 17.48 36.27 11.34
N SER B 181 16.99 36.03 12.55
CA SER B 181 16.02 36.91 13.17
C SER B 181 16.73 38.06 13.86
N LEU B 182 16.26 39.28 13.63
CA LEU B 182 16.85 40.46 14.24
C LEU B 182 15.81 41.55 14.36
N THR B 183 16.12 42.57 15.16
CA THR B 183 15.23 43.69 15.37
C THR B 183 15.32 44.68 14.20
N PRO B 184 14.25 45.41 13.92
CA PRO B 184 14.30 46.38 12.81
C PRO B 184 15.39 47.43 12.96
N GLU B 185 15.83 47.72 14.19
CA GLU B 185 16.94 48.64 14.37
C GLU B 185 18.24 48.05 13.84
N GLN B 186 18.50 46.77 14.13
CA GLN B 186 19.74 46.14 13.68
C GLN B 186 19.80 46.05 12.16
N TRP B 187 18.65 45.92 11.50
CA TRP B 187 18.64 45.85 10.04
C TRP B 187 18.96 47.21 9.42
N LYS B 188 18.45 48.29 10.01
CA LYS B 188 18.66 49.61 9.44
C LYS B 188 19.95 50.27 9.93
N SER B 189 20.40 49.97 11.14
CA SER B 189 21.59 50.62 11.68
C SER B 189 22.88 50.11 11.04
N HIS B 190 22.87 48.91 10.48
CA HIS B 190 24.07 48.34 9.87
C HIS B 190 24.11 48.65 8.38
N ARG B 191 25.28 48.40 7.78
CA ARG B 191 25.48 48.68 6.36
C ARG B 191 24.97 47.54 5.49
N SER B 192 25.31 46.30 5.85
CA SER B 192 24.91 45.14 5.05
C SER B 192 25.03 43.87 5.87
N TYR B 193 24.33 42.84 5.42
CA TYR B 193 24.39 41.51 6.01
C TYR B 193 24.76 40.50 4.93
N SER B 194 25.51 39.48 5.32
CA SER B 194 26.01 38.48 4.38
C SER B 194 25.62 37.07 4.84
N CYS B 195 25.45 36.19 3.86
CA CYS B 195 25.21 34.78 4.09
C CYS B 195 26.29 33.99 3.39
N GLN B 196 27.16 33.33 4.16
CA GLN B 196 28.24 32.53 3.61
C GLN B 196 27.83 31.06 3.59
N VAL B 197 28.16 30.39 2.48
CA VAL B 197 27.81 28.99 2.25
C VAL B 197 29.08 28.25 1.91
N THR B 198 29.55 27.41 2.84
CA THR B 198 30.75 26.62 2.65
C THR B 198 30.37 25.21 2.22
N HIS B 199 30.81 24.80 1.04
CA HIS B 199 30.46 23.50 0.49
C HIS B 199 31.70 22.88 -0.16
N GLU B 200 32.34 21.96 0.55
CA GLU B 200 33.49 21.20 0.06
C GLU B 200 34.61 22.12 -0.41
N GLY B 201 35.19 22.84 0.54
CA GLY B 201 36.30 23.75 0.27
C GLY B 201 35.91 25.14 -0.24
N SER B 202 35.00 25.20 -1.19
CA SER B 202 34.57 26.47 -1.76
C SER B 202 33.56 27.15 -0.85
N THR B 203 33.53 28.48 -0.92
CA THR B 203 32.64 29.30 -0.10
C THR B 203 31.99 30.35 -0.99
N VAL B 204 30.67 30.31 -1.09
CA VAL B 204 29.90 31.28 -1.85
C VAL B 204 29.23 32.24 -0.87
N GLU B 205 29.37 33.54 -1.14
CA GLU B 205 28.84 34.58 -0.25
C GLU B 205 27.89 35.47 -1.02
N LYS B 206 26.74 35.77 -0.42
CA LYS B 206 25.77 36.70 -0.96
C LYS B 206 25.48 37.77 0.09
N THR B 207 25.39 39.02 -0.35
CA THR B 207 25.26 40.15 0.55
C THR B 207 24.09 41.04 0.13
N VAL B 208 23.28 41.44 1.10
CA VAL B 208 22.18 42.38 0.88
C VAL B 208 22.39 43.58 1.80
N ALA B 209 21.81 44.70 1.39
CA ALA B 209 21.93 45.95 2.13
C ALA B 209 20.59 46.66 2.12
N PRO B 210 20.29 47.44 3.17
CA PRO B 210 19.03 48.20 3.19
C PRO B 210 18.97 49.19 2.03
N THR B 211 17.95 49.01 1.18
CA THR B 211 17.78 49.85 0.01
C THR B 211 16.30 50.08 -0.28
N GLN C 1 -7.83 3.97 -8.21
CA GLN C 1 -9.21 3.60 -7.92
C GLN C 1 -9.60 4.00 -6.50
N VAL C 2 -9.05 3.30 -5.52
CA VAL C 2 -9.33 3.58 -4.11
C VAL C 2 -8.50 4.78 -3.68
N GLN C 3 -9.15 5.75 -3.03
CA GLN C 3 -8.49 6.94 -2.51
C GLN C 3 -8.82 7.11 -1.04
N LEU C 4 -7.81 7.45 -0.26
CA LEU C 4 -7.96 7.66 1.17
C LEU C 4 -7.64 9.11 1.51
N GLN C 5 -8.13 9.56 2.67
CA GLN C 5 -7.98 10.96 3.05
C GLN C 5 -8.17 11.06 4.57
N GLU C 6 -7.09 11.36 5.29
CA GLU C 6 -7.16 11.54 6.72
C GLU C 6 -7.73 12.92 7.07
N SER C 7 -8.26 13.03 8.28
CA SER C 7 -8.80 14.28 8.78
C SER C 7 -8.74 14.25 10.30
N GLY C 8 -8.10 15.27 10.89
CA GLY C 8 -7.95 15.32 12.33
C GLY C 8 -7.79 16.74 12.84
N PRO C 9 -7.55 16.88 14.14
CA PRO C 9 -7.41 18.22 14.74
C PRO C 9 -6.04 18.82 14.52
N GLY C 10 -5.01 17.97 14.41
CA GLY C 10 -3.64 18.45 14.27
C GLY C 10 -2.97 18.84 15.57
N LEU C 11 -3.71 18.93 16.67
CA LEU C 11 -3.15 19.31 17.96
C LEU C 11 -4.00 18.69 19.06
N VAL C 12 -3.36 17.99 19.99
CA VAL C 12 -4.03 17.33 21.09
C VAL C 12 -3.27 17.64 22.37
N LYS C 13 -3.99 17.99 23.42
CA LYS C 13 -3.35 18.25 24.71
C LYS C 13 -2.91 16.93 25.34
N PRO C 14 -1.85 16.96 26.16
CA PRO C 14 -1.37 15.73 26.80
C PRO C 14 -2.46 15.10 27.67
N SER C 15 -2.37 13.77 27.78
CA SER C 15 -3.37 12.93 28.44
C SER C 15 -4.75 13.05 27.83
N GLY C 16 -4.86 13.69 26.66
CA GLY C 16 -6.12 13.84 25.97
C GLY C 16 -6.44 12.63 25.10
N THR C 17 -7.35 12.85 24.16
CA THR C 17 -7.80 11.79 23.25
C THR C 17 -7.68 12.27 21.82
N LEU C 18 -6.90 11.56 21.01
CA LEU C 18 -6.77 11.86 19.59
C LEU C 18 -7.90 11.18 18.82
N SER C 19 -8.49 11.93 17.89
N SER C 19 -8.49 11.93 17.89
CA SER C 19 -9.59 11.44 17.07
CA SER C 19 -9.59 11.44 17.07
C SER C 19 -9.32 11.81 15.62
C SER C 19 -9.32 11.81 15.62
N LEU C 20 -9.25 10.80 14.75
CA LEU C 20 -9.01 10.99 13.33
C LEU C 20 -10.13 10.35 12.54
N THR C 21 -10.17 10.66 11.24
CA THR C 21 -11.19 10.10 10.36
C THR C 21 -10.60 9.96 8.96
N CYS C 22 -10.70 8.76 8.40
CA CYS C 22 -10.16 8.44 7.09
C CYS C 22 -11.32 8.21 6.13
N ALA C 23 -11.66 9.23 5.36
CA ALA C 23 -12.69 9.10 4.34
C ALA C 23 -12.18 8.28 3.18
N VAL C 24 -13.02 7.39 2.66
CA VAL C 24 -12.63 6.42 1.64
C VAL C 24 -13.62 6.52 0.48
N SER C 25 -13.10 6.78 -0.72
CA SER C 25 -13.89 6.71 -1.94
C SER C 25 -13.31 5.65 -2.85
N GLY C 26 -14.14 5.17 -3.78
CA GLY C 26 -13.77 4.09 -4.66
C GLY C 26 -13.63 2.74 -4.00
N GLY C 27 -14.00 2.60 -2.72
CA GLY C 27 -13.93 1.34 -2.02
C GLY C 27 -15.05 1.26 -1.01
N SER C 28 -15.10 0.13 -0.30
CA SER C 28 -16.13 -0.12 0.70
C SER C 28 -15.46 -0.48 2.01
N ILE C 29 -15.79 0.26 3.07
CA ILE C 29 -15.24 -0.04 4.40
C ILE C 29 -15.73 -1.41 4.85
N SER C 30 -16.96 -1.76 4.52
CA SER C 30 -17.57 -3.02 4.97
C SER C 30 -16.97 -4.25 4.32
N SER C 31 -15.96 -4.10 3.46
CA SER C 31 -15.40 -5.24 2.76
C SER C 31 -14.56 -6.10 3.71
N SER C 32 -14.10 -7.25 3.18
CA SER C 32 -13.22 -8.14 3.93
C SER C 32 -11.82 -7.58 4.11
N GLN C 33 -11.49 -6.47 3.45
CA GLN C 33 -10.17 -5.89 3.56
C GLN C 33 -9.97 -5.28 4.95
N TRP C 34 -8.69 -5.13 5.32
CA TRP C 34 -8.31 -4.61 6.63
C TRP C 34 -7.86 -3.17 6.47
N TRP C 35 -8.76 -2.23 6.79
CA TRP C 35 -8.43 -0.82 6.76
C TRP C 35 -7.66 -0.45 8.01
N SER C 36 -6.40 -0.06 7.83
CA SER C 36 -5.44 0.04 8.92
C SER C 36 -5.07 1.49 9.21
N TRP C 37 -4.43 1.68 10.36
CA TRP C 37 -3.83 2.95 10.76
C TRP C 37 -2.36 2.71 11.05
N VAL C 38 -1.51 3.56 10.50
CA VAL C 38 -0.06 3.48 10.68
C VAL C 38 0.45 4.86 11.03
N ARG C 39 1.29 4.95 12.05
CA ARG C 39 1.90 6.20 12.46
C ARG C 39 3.41 6.12 12.31
N GLN C 40 4.05 7.29 12.31
CA GLN C 40 5.50 7.36 12.17
C GLN C 40 6.04 8.55 12.97
N PRO C 41 6.74 8.30 14.07
CA PRO C 41 7.30 9.41 14.87
C PRO C 41 8.35 10.18 14.07
N PRO C 42 8.66 11.41 14.48
CA PRO C 42 9.68 12.19 13.77
C PRO C 42 11.04 11.52 13.86
N GLY C 43 11.60 11.16 12.71
CA GLY C 43 12.91 10.55 12.66
C GLY C 43 12.94 9.09 13.07
N LYS C 44 11.82 8.40 12.98
CA LYS C 44 11.75 6.97 13.31
C LYS C 44 10.99 6.25 12.20
N GLY C 45 10.94 4.92 12.32
CA GLY C 45 10.30 4.10 11.33
C GLY C 45 8.80 4.06 11.46
N LEU C 46 8.18 3.18 10.67
CA LEU C 46 6.74 3.01 10.70
C LEU C 46 6.33 2.15 11.87
N GLU C 47 5.20 2.51 12.50
CA GLU C 47 4.64 1.74 13.59
C GLU C 47 3.18 1.42 13.26
N TRP C 48 2.81 0.15 13.41
CA TRP C 48 1.45 -0.30 13.12
C TRP C 48 0.58 -0.07 14.35
N ILE C 49 -0.60 0.50 14.13
CA ILE C 49 -1.53 0.79 15.20
C ILE C 49 -2.59 -0.30 15.25
N GLY C 50 -3.46 -0.34 14.26
CA GLY C 50 -4.50 -1.34 14.22
C GLY C 50 -5.14 -1.41 12.86
N GLU C 51 -6.24 -2.16 12.80
CA GLU C 51 -6.95 -2.38 11.54
C GLU C 51 -8.39 -2.75 11.87
N ILE C 52 -9.26 -2.64 10.87
CA ILE C 52 -10.67 -2.99 11.04
C ILE C 52 -11.17 -3.65 9.77
N SER C 53 -11.73 -4.86 9.91
CA SER C 53 -12.33 -5.59 8.81
C SER C 53 -13.85 -5.54 8.93
N HIS C 54 -14.51 -5.66 7.77
CA HIS C 54 -15.95 -5.42 7.65
C HIS C 54 -16.19 -4.04 8.27
N GLY C 55 -17.18 -3.87 9.13
CA GLY C 55 -17.33 -2.62 9.83
C GLY C 55 -17.23 -2.77 11.33
N VAL C 56 -16.83 -3.96 11.80
CA VAL C 56 -16.98 -4.31 13.21
C VAL C 56 -15.72 -4.95 13.78
N TYR C 57 -15.01 -5.76 12.97
CA TYR C 57 -13.92 -6.58 13.47
C TYR C 57 -12.62 -5.80 13.50
N THR C 58 -11.91 -5.87 14.64
CA THR C 58 -10.73 -5.05 14.88
C THR C 58 -9.57 -5.92 15.34
N ASN C 59 -8.36 -5.37 15.21
CA ASN C 59 -7.14 -5.98 15.70
C ASN C 59 -6.16 -4.84 15.98
N TYR C 60 -5.43 -4.94 17.10
CA TYR C 60 -4.63 -3.83 17.59
C TYR C 60 -3.21 -4.27 17.89
N ASN C 61 -2.33 -3.28 18.04
CA ASN C 61 -0.95 -3.50 18.47
C ASN C 61 -0.93 -3.74 19.97
N PRO C 62 -0.32 -4.83 20.44
CA PRO C 62 -0.27 -5.09 21.89
C PRO C 62 0.43 -3.99 22.68
N SER C 63 1.31 -3.21 22.06
CA SER C 63 1.99 -2.12 22.76
C SER C 63 1.08 -0.92 23.01
N LEU C 64 -0.11 -0.88 22.38
CA LEU C 64 -1.03 0.23 22.60
C LEU C 64 -2.49 -0.23 22.60
N LYS C 65 -2.75 -1.52 22.86
CA LYS C 65 -4.11 -2.01 22.87
C LYS C 65 -4.94 -1.38 23.99
N SER C 66 -4.32 -1.09 25.13
CA SER C 66 -5.01 -0.58 26.31
C SER C 66 -5.56 0.84 26.14
N ARG C 67 -5.48 1.49 24.98
CA ARG C 67 -5.97 2.85 24.85
C ARG C 67 -6.25 3.24 23.41
N VAL C 68 -6.62 2.27 22.58
CA VAL C 68 -6.88 2.49 21.17
C VAL C 68 -8.23 1.87 20.81
N THR C 69 -9.05 2.61 20.07
CA THR C 69 -10.33 2.11 19.59
C THR C 69 -10.51 2.54 18.14
N ILE C 70 -10.73 1.57 17.25
CA ILE C 70 -10.92 1.83 15.83
C ILE C 70 -12.35 1.45 15.47
N SER C 71 -13.13 2.43 15.06
CA SER C 71 -14.52 2.25 14.67
C SER C 71 -14.69 2.54 13.19
N ALA C 72 -15.78 2.00 12.61
CA ALA C 72 -16.09 2.18 11.21
C ALA C 72 -17.52 2.68 11.05
N ASP C 73 -17.73 3.58 10.11
CA ASP C 73 -19.04 4.14 9.80
C ASP C 73 -19.40 3.68 8.39
N LYS C 74 -20.18 2.61 8.30
CA LYS C 74 -20.56 2.06 7.01
C LYS C 74 -21.43 3.02 6.22
N SER C 75 -22.23 3.84 6.92
CA SER C 75 -23.15 4.74 6.23
C SER C 75 -22.40 5.79 5.41
N GLN C 76 -21.34 6.36 5.97
CA GLN C 76 -20.55 7.39 5.29
C GLN C 76 -19.28 6.84 4.67
N ASN C 77 -19.07 5.53 4.73
CA ASN C 77 -17.88 4.87 4.16
C ASN C 77 -16.60 5.43 4.77
N GLN C 78 -16.59 5.55 6.09
CA GLN C 78 -15.46 6.11 6.82
C GLN C 78 -15.15 5.24 8.03
N PHE C 79 -13.89 5.28 8.45
CA PHE C 79 -13.46 4.61 9.67
C PHE C 79 -12.52 5.52 10.44
N SER C 80 -12.69 5.55 11.76
CA SER C 80 -12.02 6.51 12.63
C SER C 80 -11.01 5.81 13.52
N LEU C 81 -10.18 6.63 14.17
CA LEU C 81 -9.16 6.16 15.10
C LEU C 81 -9.24 6.99 16.37
N ASN C 82 -9.26 6.31 17.52
CA ASN C 82 -9.31 6.96 18.82
C ASN C 82 -8.13 6.49 19.65
N LEU C 83 -7.40 7.44 20.24
CA LEU C 83 -6.23 7.14 21.07
C LEU C 83 -6.29 8.03 22.30
N SER C 84 -6.48 7.42 23.46
CA SER C 84 -6.63 8.15 24.71
C SER C 84 -5.33 8.12 25.51
N SER C 85 -5.25 9.02 26.51
CA SER C 85 -4.08 9.15 27.37
C SER C 85 -2.82 9.43 26.55
N VAL C 86 -2.92 10.38 25.63
CA VAL C 86 -1.82 10.65 24.71
C VAL C 86 -0.69 11.34 25.46
N THR C 87 0.54 11.07 25.02
CA THR C 87 1.73 11.69 25.60
C THR C 87 2.57 12.33 24.51
N ALA C 88 3.78 12.77 24.84
CA ALA C 88 4.67 13.34 23.84
C ALA C 88 5.17 12.27 22.88
N ALA C 89 5.21 11.01 23.32
CA ALA C 89 5.67 9.92 22.48
C ALA C 89 4.65 9.53 21.41
N ASP C 90 3.46 10.13 21.42
CA ASP C 90 2.44 9.86 20.42
C ASP C 90 2.41 10.88 19.30
N THR C 91 3.23 11.93 19.38
CA THR C 91 3.36 12.89 18.29
C THR C 91 3.98 12.20 17.09
N ALA C 92 3.24 12.14 15.98
CA ALA C 92 3.69 11.45 14.79
C ALA C 92 2.80 11.85 13.63
N VAL C 93 3.12 11.35 12.44
CA VAL C 93 2.27 11.46 11.26
C VAL C 93 1.45 10.19 11.15
N TYR C 94 0.14 10.35 11.07
CA TYR C 94 -0.78 9.22 11.07
C TYR C 94 -1.30 8.97 9.67
N TYR C 95 -1.12 7.75 9.18
CA TYR C 95 -1.60 7.32 7.87
C TYR C 95 -2.68 6.27 8.03
N CYS C 96 -3.64 6.26 7.10
CA CYS C 96 -4.57 5.17 6.94
C CYS C 96 -4.26 4.45 5.62
N ALA C 97 -4.37 3.13 5.65
CA ALA C 97 -4.01 2.30 4.50
C ALA C 97 -4.97 1.13 4.40
N ARG C 98 -4.89 0.41 3.29
CA ARG C 98 -5.73 -0.74 3.02
C ARG C 98 -4.87 -1.99 2.92
N ALA C 99 -5.29 -3.06 3.59
CA ALA C 99 -4.56 -4.31 3.63
C ALA C 99 -5.41 -5.43 3.03
N PRO C 100 -4.78 -6.48 2.49
CA PRO C 100 -5.55 -7.55 1.86
C PRO C 100 -6.16 -8.47 2.91
N PRO C 101 -7.17 -9.25 2.53
CA PRO C 101 -7.66 -10.30 3.42
C PRO C 101 -6.62 -11.38 3.61
N TYR C 102 -6.62 -11.99 4.78
CA TYR C 102 -5.68 -13.06 5.08
C TYR C 102 -6.41 -14.17 5.84
N CYS C 103 -5.85 -15.37 5.76
CA CYS C 103 -6.38 -16.53 6.46
C CYS C 103 -5.50 -16.87 7.66
N SER C 104 -6.14 -17.17 8.78
CA SER C 104 -5.39 -17.56 9.97
C SER C 104 -4.89 -18.99 9.89
N SER C 105 -5.56 -19.84 9.10
CA SER C 105 -5.17 -21.23 8.93
C SER C 105 -4.46 -21.42 7.59
N ALA C 106 -3.84 -22.59 7.43
CA ALA C 106 -3.14 -22.95 6.21
C ALA C 106 -4.06 -23.59 5.17
N SER C 107 -5.37 -23.37 5.27
CA SER C 107 -6.33 -24.00 4.37
C SER C 107 -7.02 -22.97 3.48
N CYS C 108 -6.24 -22.25 2.68
CA CYS C 108 -6.78 -21.20 1.83
C CYS C 108 -5.94 -21.14 0.56
N PRO C 109 -6.42 -20.45 -0.46
CA PRO C 109 -5.56 -20.18 -1.63
C PRO C 109 -4.34 -19.35 -1.24
N ASP C 110 -3.30 -19.44 -2.08
CA ASP C 110 -2.04 -18.80 -1.75
C ASP C 110 -2.12 -17.28 -1.75
N ASP C 111 -3.08 -16.69 -2.46
CA ASP C 111 -3.23 -15.25 -2.50
C ASP C 111 -3.82 -14.67 -1.22
N TYR C 112 -4.08 -15.50 -0.22
CA TYR C 112 -4.65 -15.04 1.04
C TYR C 112 -3.64 -15.15 2.19
N TYR C 113 -2.36 -15.08 1.86
CA TYR C 113 -1.29 -15.07 2.86
C TYR C 113 -0.34 -13.89 2.64
N TYR C 114 -0.81 -12.84 1.98
CA TYR C 114 -0.05 -11.62 1.80
C TYR C 114 -0.37 -10.63 2.91
N PHE C 115 0.59 -9.75 3.19
CA PHE C 115 0.31 -8.50 3.88
C PHE C 115 1.01 -7.37 3.13
N PHE C 116 0.30 -6.29 2.91
CA PHE C 116 0.85 -5.11 2.25
C PHE C 116 -0.15 -3.98 2.41
N LEU C 117 0.34 -2.75 2.22
CA LEU C 117 -0.49 -1.55 2.26
C LEU C 117 -0.33 -0.86 0.91
N ASP C 118 -1.16 -1.27 -0.05
CA ASP C 118 -1.03 -0.76 -1.41
C ASP C 118 -1.57 0.67 -1.53
N VAL C 119 -2.69 0.95 -0.88
CA VAL C 119 -3.34 2.25 -0.95
C VAL C 119 -3.05 2.99 0.36
N TRP C 120 -2.34 4.11 0.28
CA TRP C 120 -2.06 4.95 1.42
C TRP C 120 -2.80 6.27 1.30
N GLY C 121 -2.90 6.98 2.42
CA GLY C 121 -3.38 8.34 2.43
C GLY C 121 -2.22 9.34 2.48
N LYS C 122 -2.56 10.60 2.26
CA LYS C 122 -1.53 11.65 2.33
C LYS C 122 -0.96 11.79 3.73
N GLY C 123 -1.65 11.28 4.75
CA GLY C 123 -1.17 11.37 6.12
C GLY C 123 -1.44 12.73 6.72
N THR C 124 -1.80 12.74 8.01
CA THR C 124 -2.04 13.97 8.74
C THR C 124 -1.07 14.04 9.91
N THR C 125 -0.57 15.24 10.19
CA THR C 125 0.36 15.46 11.29
C THR C 125 -0.41 15.78 12.56
N VAL C 126 -0.06 15.11 13.66
CA VAL C 126 -0.69 15.32 14.95
C VAL C 126 0.39 15.59 15.97
N THR C 127 0.32 16.75 16.63
CA THR C 127 1.30 17.16 17.62
C THR C 127 0.64 17.18 18.99
N VAL C 128 1.29 16.53 19.96
CA VAL C 128 0.82 16.48 21.33
C VAL C 128 1.74 17.39 22.15
N SER C 129 1.27 18.58 22.47
CA SER C 129 2.08 19.55 23.20
C SER C 129 1.35 20.22 24.35
N GLY C 130 0.10 20.61 24.15
CA GLY C 130 -0.63 21.36 25.15
C GLY C 130 -0.49 22.86 25.03
N ALA C 131 0.15 23.35 23.98
CA ALA C 131 0.27 24.79 23.73
C ALA C 131 -0.78 25.21 22.71
N SER C 132 -1.40 26.36 22.96
CA SER C 132 -2.42 26.86 22.05
C SER C 132 -1.84 27.13 20.67
N THR C 133 -2.61 26.82 19.64
CA THR C 133 -2.16 27.02 18.27
C THR C 133 -2.03 28.51 17.95
N LYS C 134 -1.24 28.80 16.92
CA LYS C 134 -1.01 30.17 16.48
C LYS C 134 -1.05 30.22 14.97
N GLY C 135 -1.76 31.22 14.44
CA GLY C 135 -1.86 31.42 13.01
C GLY C 135 -0.56 31.94 12.41
N PRO C 136 -0.26 31.52 11.20
CA PRO C 136 0.99 31.94 10.55
C PRO C 136 0.91 33.38 10.05
N SER C 137 2.08 33.95 9.82
CA SER C 137 2.23 35.29 9.25
C SER C 137 2.96 35.17 7.92
N VAL C 138 2.33 35.66 6.85
CA VAL C 138 2.85 35.51 5.51
C VAL C 138 3.44 36.83 5.05
N PHE C 139 4.65 36.77 4.47
CA PHE C 139 5.33 37.93 3.92
C PHE C 139 5.94 37.55 2.60
N PRO C 140 5.98 38.47 1.63
CA PRO C 140 6.56 38.17 0.33
C PRO C 140 8.07 38.26 0.33
N LEU C 141 8.67 37.79 -0.77
CA LEU C 141 10.11 37.84 -1.00
C LEU C 141 10.32 38.38 -2.41
N ALA C 142 10.30 39.70 -2.55
CA ALA C 142 10.42 40.31 -3.86
C ALA C 142 11.85 40.16 -4.38
N PRO C 143 12.04 39.76 -5.64
CA PRO C 143 13.39 39.60 -6.19
C PRO C 143 13.93 40.94 -6.69
N SER C 144 15.17 40.91 -7.17
CA SER C 144 15.79 42.09 -7.73
C SER C 144 16.88 41.64 -8.71
N SER C 145 17.92 42.48 -8.89
CA SER C 145 19.04 42.08 -9.73
C SER C 145 19.96 41.08 -9.04
N LYS C 146 19.98 41.09 -7.71
CA LYS C 146 20.79 40.12 -6.98
C LYS C 146 20.16 38.73 -7.02
N SER C 147 18.84 38.65 -7.08
CA SER C 147 18.13 37.39 -7.16
C SER C 147 18.02 36.86 -8.59
N THR C 148 18.73 37.46 -9.54
CA THR C 148 18.69 37.07 -10.94
C THR C 148 20.09 36.69 -11.39
N SER C 149 20.20 35.54 -12.04
CA SER C 149 21.47 35.03 -12.56
C SER C 149 21.42 35.05 -14.09
N GLY C 150 21.36 36.25 -14.65
CA GLY C 150 21.28 36.42 -16.09
C GLY C 150 19.87 36.25 -16.62
N GLY C 151 19.36 35.03 -16.57
CA GLY C 151 18.01 34.75 -17.02
C GLY C 151 17.24 33.90 -16.04
N THR C 152 17.88 33.53 -14.94
CA THR C 152 17.27 32.69 -13.91
C THR C 152 17.05 33.54 -12.66
N ALA C 153 15.79 33.76 -12.32
CA ALA C 153 15.40 34.53 -11.15
C ALA C 153 14.74 33.62 -10.11
N ALA C 154 14.33 34.22 -9.00
CA ALA C 154 13.70 33.46 -7.92
C ALA C 154 12.93 34.42 -7.02
N LEU C 155 11.73 33.99 -6.63
CA LEU C 155 10.90 34.74 -5.71
C LEU C 155 10.01 33.76 -4.94
N GLY C 156 9.69 34.11 -3.70
CA GLY C 156 8.92 33.23 -2.87
C GLY C 156 8.16 33.95 -1.78
N CYS C 157 7.72 33.17 -0.79
CA CYS C 157 6.96 33.67 0.33
C CYS C 157 7.58 33.19 1.63
N LEU C 158 7.33 33.94 2.71
CA LEU C 158 7.87 33.65 4.03
C LEU C 158 6.71 33.41 4.98
N VAL C 159 6.64 32.19 5.52
CA VAL C 159 5.61 31.82 6.49
C VAL C 159 6.28 31.79 7.85
N LYS C 160 6.14 32.88 8.60
CA LYS C 160 6.83 33.05 9.88
C LYS C 160 5.89 32.78 11.05
N ASP C 161 6.44 32.13 12.08
CA ASP C 161 5.79 31.98 13.38
C ASP C 161 4.42 31.31 13.29
N TYR C 162 4.39 29.98 13.33
CA TYR C 162 3.13 29.25 13.37
C TYR C 162 3.31 27.98 14.19
N PHE C 163 2.19 27.43 14.65
CA PHE C 163 2.21 26.19 15.41
C PHE C 163 0.83 25.55 15.37
N PRO C 164 0.75 24.22 15.13
CA PRO C 164 1.90 23.37 14.85
C PRO C 164 2.04 23.04 13.36
N GLU C 165 2.83 22.01 13.07
CA GLU C 165 2.91 21.49 11.72
C GLU C 165 1.55 20.90 11.32
N PRO C 166 1.21 20.87 10.02
CA PRO C 166 1.97 21.39 8.88
C PRO C 166 1.40 22.65 8.25
N VAL C 167 2.05 23.10 7.18
CA VAL C 167 1.58 24.22 6.38
C VAL C 167 1.83 23.89 4.92
N THR C 168 0.76 23.89 4.12
CA THR C 168 0.86 23.59 2.69
C THR C 168 0.81 24.90 1.90
N VAL C 169 1.74 25.06 0.96
CA VAL C 169 1.85 26.27 0.17
C VAL C 169 1.78 25.89 -1.30
N SER C 170 0.80 26.43 -2.01
CA SER C 170 0.68 26.27 -3.46
C SER C 170 0.75 27.64 -4.12
N TRP C 171 0.99 27.63 -5.43
CA TRP C 171 1.17 28.85 -6.21
C TRP C 171 0.13 28.92 -7.32
N ASN C 172 -0.50 30.09 -7.47
CA ASN C 172 -1.50 30.33 -8.50
C ASN C 172 -2.66 29.33 -8.41
N SER C 173 -2.99 28.90 -7.19
CA SER C 173 -4.03 27.91 -6.95
C SER C 173 -3.77 26.63 -7.75
N GLY C 174 -2.58 26.09 -7.60
CA GLY C 174 -2.20 24.87 -8.28
C GLY C 174 -1.82 25.03 -9.73
N ALA C 175 -1.70 26.27 -10.23
CA ALA C 175 -1.34 26.52 -11.61
C ALA C 175 0.16 26.73 -11.82
N LEU C 176 0.98 26.12 -10.99
CA LEU C 176 2.43 26.24 -11.12
C LEU C 176 3.09 25.09 -10.36
N THR C 177 4.06 24.44 -11.00
CA THR C 177 4.77 23.32 -10.37
C THR C 177 6.22 23.28 -10.84
N SER C 178 6.54 24.02 -11.89
CA SER C 178 7.90 24.06 -12.41
C SER C 178 8.74 25.06 -11.61
N GLY C 179 9.82 24.56 -11.01
CA GLY C 179 10.68 25.39 -10.20
C GLY C 179 10.23 25.61 -8.78
N VAL C 180 9.01 25.21 -8.43
CA VAL C 180 8.51 25.39 -7.07
C VAL C 180 9.25 24.46 -6.12
N HIS C 181 9.62 25.00 -4.97
CA HIS C 181 10.28 24.20 -3.93
C HIS C 181 9.96 24.80 -2.57
N THR C 182 9.25 24.07 -1.75
CA THR C 182 8.90 24.50 -0.40
C THR C 182 9.90 23.89 0.58
N PHE C 183 10.68 24.75 1.24
CA PHE C 183 11.71 24.28 2.13
C PHE C 183 11.09 23.69 3.41
N PRO C 184 11.77 22.72 4.02
CA PRO C 184 11.29 22.21 5.31
C PRO C 184 11.33 23.29 6.37
N ALA C 185 10.29 23.33 7.20
CA ALA C 185 10.21 24.33 8.25
C ALA C 185 11.30 24.11 9.28
N VAL C 186 11.66 25.19 9.98
CA VAL C 186 12.65 25.15 11.05
C VAL C 186 11.93 25.45 12.36
N LEU C 187 12.33 24.74 13.42
CA LEU C 187 11.77 24.96 14.75
C LEU C 187 12.65 25.96 15.47
N GLN C 188 12.17 27.21 15.55
CA GLN C 188 12.94 28.27 16.17
C GLN C 188 13.01 28.07 17.69
N SER C 189 13.80 28.93 18.33
CA SER C 189 14.02 28.81 19.77
C SER C 189 12.77 29.14 20.58
N SER C 190 11.85 29.93 20.03
CA SER C 190 10.65 30.30 20.77
C SER C 190 9.69 29.12 20.90
N GLY C 191 9.57 28.32 19.85
CA GLY C 191 8.63 27.21 19.85
C GLY C 191 7.68 27.28 18.68
N LEU C 192 8.00 28.12 17.70
CA LEU C 192 7.19 28.30 16.52
C LEU C 192 7.98 27.90 15.28
N TYR C 193 7.26 27.39 14.28
CA TYR C 193 7.89 26.96 13.04
C TYR C 193 7.87 28.09 12.01
N SER C 194 8.79 27.99 11.06
CA SER C 194 8.87 28.95 9.96
C SER C 194 9.47 28.25 8.75
N LEU C 195 8.78 28.36 7.62
CA LEU C 195 9.27 27.81 6.35
C LEU C 195 9.17 28.88 5.28
N SER C 196 9.75 28.58 4.12
CA SER C 196 9.73 29.48 2.98
C SER C 196 9.59 28.65 1.71
N SER C 197 8.62 29.03 0.87
CA SER C 197 8.38 28.37 -0.40
C SER C 197 8.79 29.30 -1.53
N VAL C 198 9.74 28.87 -2.34
CA VAL C 198 10.26 29.68 -3.45
C VAL C 198 10.03 28.92 -4.75
N VAL C 199 9.90 29.66 -5.84
CA VAL C 199 9.76 29.09 -7.17
C VAL C 199 10.76 29.78 -8.09
N THR C 200 11.58 28.97 -8.76
CA THR C 200 12.60 29.48 -9.67
C THR C 200 11.97 29.73 -11.03
N VAL C 201 11.86 30.99 -11.42
CA VAL C 201 11.22 31.38 -12.67
C VAL C 201 12.19 32.23 -13.49
N PRO C 202 12.07 32.27 -14.82
CA PRO C 202 12.94 33.12 -15.61
C PRO C 202 12.72 34.60 -15.31
N SER C 203 13.68 35.41 -15.76
CA SER C 203 13.64 36.85 -15.53
C SER C 203 12.91 37.61 -16.62
N SER C 204 12.55 36.96 -17.73
CA SER C 204 11.83 37.60 -18.82
C SER C 204 10.32 37.54 -18.64
N SER C 205 9.84 37.04 -17.51
CA SER C 205 8.42 36.96 -17.22
C SER C 205 8.07 37.67 -15.92
N LEU C 206 8.74 38.79 -15.64
CA LEU C 206 8.52 39.50 -14.38
C LEU C 206 7.36 40.49 -14.50
N GLY C 207 7.39 41.32 -15.54
CA GLY C 207 6.35 42.31 -15.74
C GLY C 207 5.13 41.77 -16.47
N THR C 208 4.98 40.44 -16.48
CA THR C 208 3.88 39.81 -17.19
C THR C 208 3.16 38.79 -16.29
N GLN C 209 3.85 37.70 -15.97
CA GLN C 209 3.24 36.67 -15.14
C GLN C 209 3.16 37.12 -13.68
N THR C 210 1.96 37.08 -13.12
CA THR C 210 1.75 37.43 -11.73
C THR C 210 1.95 36.20 -10.85
N TYR C 211 2.52 36.42 -9.66
CA TYR C 211 2.86 35.33 -8.74
C TYR C 211 2.12 35.53 -7.43
N ILE C 212 1.46 34.48 -6.95
CA ILE C 212 0.74 34.50 -5.68
C ILE C 212 0.91 33.13 -5.02
N CYS C 213 1.33 33.13 -3.75
CA CYS C 213 1.46 31.91 -2.97
C CYS C 213 0.20 31.70 -2.13
N ASN C 214 -0.23 30.44 -2.05
CA ASN C 214 -1.43 30.07 -1.32
C ASN C 214 -1.03 29.30 -0.08
N VAL C 215 -0.97 29.99 1.06
CA VAL C 215 -0.57 29.40 2.33
C VAL C 215 -1.82 28.86 3.02
N ASN C 216 -1.72 27.63 3.53
CA ASN C 216 -2.83 26.98 4.21
C ASN C 216 -2.36 26.44 5.55
N HIS C 217 -3.15 26.66 6.60
CA HIS C 217 -2.86 26.18 7.95
C HIS C 217 -4.17 25.69 8.56
N LYS C 218 -4.45 24.40 8.39
CA LYS C 218 -5.72 23.84 8.86
C LYS C 218 -5.90 23.91 10.38
N PRO C 219 -4.90 23.64 11.23
CA PRO C 219 -5.16 23.67 12.68
C PRO C 219 -5.76 24.97 13.19
N SER C 220 -5.36 26.11 12.62
CA SER C 220 -5.91 27.39 13.03
C SER C 220 -6.92 27.96 12.04
N ASN C 221 -7.22 27.23 10.97
CA ASN C 221 -8.15 27.64 9.93
C ASN C 221 -7.76 29.01 9.35
N THR C 222 -6.63 29.00 8.65
CA THR C 222 -6.06 30.22 8.08
C THR C 222 -5.62 29.92 6.65
N LYS C 223 -6.12 30.72 5.70
CA LYS C 223 -5.73 30.60 4.30
C LYS C 223 -5.49 32.01 3.77
N VAL C 224 -4.22 32.37 3.60
CA VAL C 224 -3.82 33.69 3.13
C VAL C 224 -3.21 33.55 1.74
N ASP C 225 -3.60 34.45 0.85
CA ASP C 225 -3.10 34.47 -0.52
C ASP C 225 -2.41 35.82 -0.75
N LYS C 226 -1.10 35.85 -0.56
CA LYS C 226 -0.30 37.07 -0.70
C LYS C 226 0.33 37.12 -2.08
N ARG C 227 0.43 38.33 -2.63
CA ARG C 227 1.03 38.55 -3.94
C ARG C 227 2.46 39.03 -3.77
N VAL C 228 3.38 38.41 -4.51
CA VAL C 228 4.79 38.77 -4.46
C VAL C 228 5.05 39.80 -5.56
N GLU C 229 5.31 41.04 -5.16
CA GLU C 229 5.49 42.14 -6.09
C GLU C 229 6.88 42.72 -5.96
N PRO C 230 7.71 42.70 -7.01
CA PRO C 230 9.00 43.39 -6.96
C PRO C 230 8.80 44.89 -7.09
N LYS C 231 9.45 45.66 -6.22
CA LYS C 231 9.32 47.11 -6.19
C LYS C 231 10.69 47.76 -6.35
N SER C 232 10.66 49.03 -6.74
CA SER C 232 11.89 49.80 -6.93
C SER C 232 12.38 50.39 -5.62
#